data_132D
# 
_entry.id   132D 
# 
_audit_conform.dict_name       mmcif_pdbx.dic 
_audit_conform.dict_version    5.392 
_audit_conform.dict_location   http://mmcif.pdb.org/dictionaries/ascii/mmcif_pdbx.dic 
# 
loop_
_database_2.database_id 
_database_2.database_code 
_database_2.pdbx_database_accession 
_database_2.pdbx_DOI 
PDB   132D         pdb_0000132d 10.2210/pdb132d/pdb 
WWPDB D_1000170077 ?            ?                   
# 
loop_
_pdbx_audit_revision_history.ordinal 
_pdbx_audit_revision_history.data_content_type 
_pdbx_audit_revision_history.major_revision 
_pdbx_audit_revision_history.minor_revision 
_pdbx_audit_revision_history.revision_date 
1 'Structure model' 1 0 1994-01-31 
2 'Structure model' 1 1 2008-03-24 
3 'Structure model' 1 2 2011-07-13 
4 'Structure model' 1 3 2022-02-16 
5 'Structure model' 1 4 2024-05-22 
# 
_pdbx_audit_revision_details.ordinal             1 
_pdbx_audit_revision_details.revision_ordinal    1 
_pdbx_audit_revision_details.data_content_type   'Structure model' 
_pdbx_audit_revision_details.provider            repository 
_pdbx_audit_revision_details.type                'Initial release' 
_pdbx_audit_revision_details.description         ? 
_pdbx_audit_revision_details.details             ? 
# 
loop_
_pdbx_audit_revision_group.ordinal 
_pdbx_audit_revision_group.revision_ordinal 
_pdbx_audit_revision_group.data_content_type 
_pdbx_audit_revision_group.group 
1 2 'Structure model' 'Version format compliance' 
2 3 'Structure model' 'Version format compliance' 
3 4 'Structure model' 'Database references'       
4 4 'Structure model' 'Derived calculations'      
5 5 'Structure model' 'Data collection'           
# 
loop_
_pdbx_audit_revision_category.ordinal 
_pdbx_audit_revision_category.revision_ordinal 
_pdbx_audit_revision_category.data_content_type 
_pdbx_audit_revision_category.category 
1 4 'Structure model' database_2            
2 4 'Structure model' pdbx_struct_assembly  
3 4 'Structure model' pdbx_struct_oper_list 
4 5 'Structure model' chem_comp_atom        
5 5 'Structure model' chem_comp_bond        
# 
loop_
_pdbx_audit_revision_item.ordinal 
_pdbx_audit_revision_item.revision_ordinal 
_pdbx_audit_revision_item.data_content_type 
_pdbx_audit_revision_item.item 
1 4 'Structure model' '_database_2.pdbx_DOI'                
2 4 'Structure model' '_database_2.pdbx_database_accession' 
# 
_pdbx_database_status.status_code                     REL 
_pdbx_database_status.entry_id                        132D 
_pdbx_database_status.recvd_initial_deposition_date   1993-06-24 
_pdbx_database_status.deposit_site                    RCSB 
_pdbx_database_status.process_site                    RCSB 
_pdbx_database_status.SG_entry                        . 
_pdbx_database_status.pdb_format_compatible           Y 
_pdbx_database_status.status_code_mr                  ? 
_pdbx_database_status.status_code_sf                  ? 
_pdbx_database_status.status_code_cs                  ? 
_pdbx_database_status.status_code_nmr_data            ? 
_pdbx_database_status.methods_development_category    ? 
# 
loop_
_audit_author.name 
_audit_author.pdbx_ordinal 
'Kim, S.-G.' 1 
'Reid, B.R.' 2 
# 
_citation.id                        primary 
_citation.title                     'Solution structure of the TnAn DNA duplex GCCGTTAACGCG containing the HpaI restriction site.' 
_citation.journal_abbrev            Biochemistry 
_citation.journal_volume            31 
_citation.page_first                12103 
_citation.page_last                 12116 
_citation.year                      1992 
_citation.journal_id_ASTM           BICHAW 
_citation.country                   US 
_citation.journal_id_ISSN           0006-2960 
_citation.journal_id_CSD            0033 
_citation.book_publisher            ? 
_citation.pdbx_database_id_PubMed   1457407 
_citation.pdbx_database_id_DOI      10.1021/bi00163a020 
# 
loop_
_citation_author.citation_id 
_citation_author.name 
_citation_author.ordinal 
_citation_author.identifier_ORCID 
primary 'Kim, S.G.'  1 ? 
primary 'Reid, B.R.' 2 ? 
# 
_entity.id                         1 
_entity.type                       polymer 
_entity.src_method                 syn 
_entity.pdbx_description           
;DNA (5'-D(P*GP*CP*CP*GP*TP*TP*AP*AP*CP*GP*GP*C)-3')
;
_entity.formula_weight             3663.392 
_entity.pdbx_number_of_molecules   2 
_entity.pdbx_ec                    ? 
_entity.pdbx_mutation              ? 
_entity.pdbx_fragment              ? 
_entity.details                    ? 
# 
_entity_poly.entity_id                      1 
_entity_poly.type                           polydeoxyribonucleotide 
_entity_poly.nstd_linkage                   no 
_entity_poly.nstd_monomer                   no 
_entity_poly.pdbx_seq_one_letter_code       '(DG)(DC)(DC)(DG)(DT)(DT)(DA)(DA)(DC)(DG)(DG)(DC)' 
_entity_poly.pdbx_seq_one_letter_code_can   GCCGTTAACGGC 
_entity_poly.pdbx_strand_id                 A,B 
_entity_poly.pdbx_target_identifier         ? 
# 
loop_
_entity_poly_seq.entity_id 
_entity_poly_seq.num 
_entity_poly_seq.mon_id 
_entity_poly_seq.hetero 
1 1  DG n 
1 2  DC n 
1 3  DC n 
1 4  DG n 
1 5  DT n 
1 6  DT n 
1 7  DA n 
1 8  DA n 
1 9  DC n 
1 10 DG n 
1 11 DG n 
1 12 DC n 
# 
_pdbx_entity_src_syn.entity_id              1 
_pdbx_entity_src_syn.pdbx_src_id            1 
_pdbx_entity_src_syn.pdbx_alt_source_flag   sample 
_pdbx_entity_src_syn.pdbx_beg_seq_num       ? 
_pdbx_entity_src_syn.pdbx_end_seq_num       ? 
_pdbx_entity_src_syn.organism_scientific    ? 
_pdbx_entity_src_syn.organism_common_name   ? 
_pdbx_entity_src_syn.ncbi_taxonomy_id       ? 
_pdbx_entity_src_syn.details                'chemically synthesized' 
# 
loop_
_chem_comp.id 
_chem_comp.type 
_chem_comp.mon_nstd_flag 
_chem_comp.name 
_chem_comp.pdbx_synonyms 
_chem_comp.formula 
_chem_comp.formula_weight 
DA 'DNA linking' y "2'-DEOXYADENOSINE-5'-MONOPHOSPHATE" ? 'C10 H14 N5 O6 P' 331.222 
DC 'DNA linking' y "2'-DEOXYCYTIDINE-5'-MONOPHOSPHATE"  ? 'C9 H14 N3 O7 P'  307.197 
DG 'DNA linking' y "2'-DEOXYGUANOSINE-5'-MONOPHOSPHATE" ? 'C10 H14 N5 O7 P' 347.221 
DT 'DNA linking' y "THYMIDINE-5'-MONOPHOSPHATE"         ? 'C10 H15 N2 O8 P' 322.208 
# 
loop_
_pdbx_poly_seq_scheme.asym_id 
_pdbx_poly_seq_scheme.entity_id 
_pdbx_poly_seq_scheme.seq_id 
_pdbx_poly_seq_scheme.mon_id 
_pdbx_poly_seq_scheme.ndb_seq_num 
_pdbx_poly_seq_scheme.pdb_seq_num 
_pdbx_poly_seq_scheme.auth_seq_num 
_pdbx_poly_seq_scheme.pdb_mon_id 
_pdbx_poly_seq_scheme.auth_mon_id 
_pdbx_poly_seq_scheme.pdb_strand_id 
_pdbx_poly_seq_scheme.pdb_ins_code 
_pdbx_poly_seq_scheme.hetero 
A 1 1  DG 1  1  1  DG G A . n 
A 1 2  DC 2  2  2  DC C A . n 
A 1 3  DC 3  3  3  DC C A . n 
A 1 4  DG 4  4  4  DG G A . n 
A 1 5  DT 5  5  5  DT T A . n 
A 1 6  DT 6  6  6  DT T A . n 
A 1 7  DA 7  7  7  DA A A . n 
A 1 8  DA 8  8  8  DA A A . n 
A 1 9  DC 9  9  9  DC C A . n 
A 1 10 DG 10 10 10 DG G A . n 
A 1 11 DG 11 11 11 DG G A . n 
A 1 12 DC 12 12 12 DC C A . n 
B 1 1  DG 1  13 13 DG G B . n 
B 1 2  DC 2  14 14 DC C B . n 
B 1 3  DC 3  15 15 DC C B . n 
B 1 4  DG 4  16 16 DG G B . n 
B 1 5  DT 5  17 17 DT T B . n 
B 1 6  DT 6  18 18 DT T B . n 
B 1 7  DA 7  19 19 DA A B . n 
B 1 8  DA 8  20 20 DA A B . n 
B 1 9  DC 9  21 21 DC C B . n 
B 1 10 DG 10 22 22 DG G B . n 
B 1 11 DG 11 23 23 DG G B . n 
B 1 12 DC 12 24 24 DC C B . n 
# 
_cell.entry_id           132D 
_cell.length_a           1.000 
_cell.length_b           1.000 
_cell.length_c           1.000 
_cell.angle_alpha        90.00 
_cell.angle_beta         90.00 
_cell.angle_gamma        90.00 
_cell.Z_PDB              1 
_cell.pdbx_unique_axis   ? 
# 
_symmetry.entry_id                         132D 
_symmetry.space_group_name_H-M             'P 1' 
_symmetry.pdbx_full_space_group_name_H-M   ? 
_symmetry.cell_setting                     ? 
_symmetry.Int_Tables_number                1 
# 
_exptl.entry_id          132D 
_exptl.method            'SOLUTION NMR' 
_exptl.crystals_number   ? 
# 
_struct.entry_id                  132D 
_struct.title                     'SOLUTION STRUCTURE OF THE TN AN DNA DUPLEX GCCGTTAACGGC CONTAINING THE HPA I RESTRICTION SITE' 
_struct.pdbx_model_details        ? 
_struct.pdbx_CASP_flag            ? 
_struct.pdbx_model_type_details   ? 
# 
_struct_keywords.entry_id        132D 
_struct_keywords.pdbx_keywords   DNA 
_struct_keywords.text            'DOUBLE HELIX, HPA 1 RESTRICTION SITE, DNA' 
# 
loop_
_struct_asym.id 
_struct_asym.pdbx_blank_PDB_chainid_flag 
_struct_asym.pdbx_modified 
_struct_asym.entity_id 
_struct_asym.details 
A N N 1 ? 
B N N 1 ? 
# 
_struct_ref.id                         1 
_struct_ref.entity_id                  1 
_struct_ref.db_name                    PDB 
_struct_ref.db_code                    132D 
_struct_ref.pdbx_db_accession          132D 
_struct_ref.pdbx_db_isoform            ? 
_struct_ref.pdbx_seq_one_letter_code   ? 
_struct_ref.pdbx_align_begin           ? 
# 
loop_
_struct_ref_seq.align_id 
_struct_ref_seq.ref_id 
_struct_ref_seq.pdbx_PDB_id_code 
_struct_ref_seq.pdbx_strand_id 
_struct_ref_seq.seq_align_beg 
_struct_ref_seq.pdbx_seq_align_beg_ins_code 
_struct_ref_seq.seq_align_end 
_struct_ref_seq.pdbx_seq_align_end_ins_code 
_struct_ref_seq.pdbx_db_accession 
_struct_ref_seq.db_align_beg 
_struct_ref_seq.pdbx_db_align_beg_ins_code 
_struct_ref_seq.db_align_end 
_struct_ref_seq.pdbx_db_align_end_ins_code 
_struct_ref_seq.pdbx_auth_seq_align_beg 
_struct_ref_seq.pdbx_auth_seq_align_end 
1 1 132D A 1 ? 12 ? 132D 1  ? 12 ? 1  12 
2 1 132D B 1 ? 12 ? 132D 13 ? 24 ? 13 24 
# 
_pdbx_struct_assembly.id                   1 
_pdbx_struct_assembly.details              author_defined_assembly 
_pdbx_struct_assembly.method_details       ? 
_pdbx_struct_assembly.oligomeric_details   dimeric 
_pdbx_struct_assembly.oligomeric_count     2 
# 
_pdbx_struct_assembly_gen.assembly_id       1 
_pdbx_struct_assembly_gen.oper_expression   1 
_pdbx_struct_assembly_gen.asym_id_list      A,B 
# 
_pdbx_struct_oper_list.id                   1 
_pdbx_struct_oper_list.type                 'identity operation' 
_pdbx_struct_oper_list.name                 1_555 
_pdbx_struct_oper_list.symmetry_operation   x,y,z 
_pdbx_struct_oper_list.matrix[1][1]         1.0000000000 
_pdbx_struct_oper_list.matrix[1][2]         0.0000000000 
_pdbx_struct_oper_list.matrix[1][3]         0.0000000000 
_pdbx_struct_oper_list.vector[1]            0.0000000000 
_pdbx_struct_oper_list.matrix[2][1]         0.0000000000 
_pdbx_struct_oper_list.matrix[2][2]         1.0000000000 
_pdbx_struct_oper_list.matrix[2][3]         0.0000000000 
_pdbx_struct_oper_list.vector[2]            0.0000000000 
_pdbx_struct_oper_list.matrix[3][1]         0.0000000000 
_pdbx_struct_oper_list.matrix[3][2]         0.0000000000 
_pdbx_struct_oper_list.matrix[3][3]         1.0000000000 
_pdbx_struct_oper_list.vector[3]            0.0000000000 
# 
_struct_biol.id   1 
# 
loop_
_struct_conn.id 
_struct_conn.conn_type_id 
_struct_conn.pdbx_leaving_atom_flag 
_struct_conn.pdbx_PDB_id 
_struct_conn.ptnr1_label_asym_id 
_struct_conn.ptnr1_label_comp_id 
_struct_conn.ptnr1_label_seq_id 
_struct_conn.ptnr1_label_atom_id 
_struct_conn.pdbx_ptnr1_label_alt_id 
_struct_conn.pdbx_ptnr1_PDB_ins_code 
_struct_conn.pdbx_ptnr1_standard_comp_id 
_struct_conn.ptnr1_symmetry 
_struct_conn.ptnr2_label_asym_id 
_struct_conn.ptnr2_label_comp_id 
_struct_conn.ptnr2_label_seq_id 
_struct_conn.ptnr2_label_atom_id 
_struct_conn.pdbx_ptnr2_label_alt_id 
_struct_conn.pdbx_ptnr2_PDB_ins_code 
_struct_conn.ptnr1_auth_asym_id 
_struct_conn.ptnr1_auth_comp_id 
_struct_conn.ptnr1_auth_seq_id 
_struct_conn.ptnr2_auth_asym_id 
_struct_conn.ptnr2_auth_comp_id 
_struct_conn.ptnr2_auth_seq_id 
_struct_conn.ptnr2_symmetry 
_struct_conn.pdbx_ptnr3_label_atom_id 
_struct_conn.pdbx_ptnr3_label_seq_id 
_struct_conn.pdbx_ptnr3_label_comp_id 
_struct_conn.pdbx_ptnr3_label_asym_id 
_struct_conn.pdbx_ptnr3_label_alt_id 
_struct_conn.pdbx_ptnr3_PDB_ins_code 
_struct_conn.details 
_struct_conn.pdbx_dist_value 
_struct_conn.pdbx_value_order 
_struct_conn.pdbx_role 
hydrog1  hydrog ? ? A DG 1  N1 ? ? ? 1_555 B DC 12 N3 ? ? A DG 1  B DC 24 1_555 ? ? ? ? ? ? WATSON-CRICK ? ? ? 
hydrog2  hydrog ? ? A DG 1  N2 ? ? ? 1_555 B DC 12 O2 ? ? A DG 1  B DC 24 1_555 ? ? ? ? ? ? WATSON-CRICK ? ? ? 
hydrog3  hydrog ? ? A DG 1  O6 ? ? ? 1_555 B DC 12 N4 ? ? A DG 1  B DC 24 1_555 ? ? ? ? ? ? WATSON-CRICK ? ? ? 
hydrog4  hydrog ? ? A DC 2  N3 ? ? ? 1_555 B DG 11 N1 ? ? A DC 2  B DG 23 1_555 ? ? ? ? ? ? WATSON-CRICK ? ? ? 
hydrog5  hydrog ? ? A DC 2  N4 ? ? ? 1_555 B DG 11 O6 ? ? A DC 2  B DG 23 1_555 ? ? ? ? ? ? WATSON-CRICK ? ? ? 
hydrog6  hydrog ? ? A DC 2  O2 ? ? ? 1_555 B DG 11 N2 ? ? A DC 2  B DG 23 1_555 ? ? ? ? ? ? WATSON-CRICK ? ? ? 
hydrog7  hydrog ? ? A DC 3  N3 ? ? ? 1_555 B DG 10 N1 ? ? A DC 3  B DG 22 1_555 ? ? ? ? ? ? WATSON-CRICK ? ? ? 
hydrog8  hydrog ? ? A DC 3  N4 ? ? ? 1_555 B DG 10 O6 ? ? A DC 3  B DG 22 1_555 ? ? ? ? ? ? WATSON-CRICK ? ? ? 
hydrog9  hydrog ? ? A DC 3  O2 ? ? ? 1_555 B DG 10 N2 ? ? A DC 3  B DG 22 1_555 ? ? ? ? ? ? WATSON-CRICK ? ? ? 
hydrog10 hydrog ? ? A DG 4  N1 ? ? ? 1_555 B DC 9  N3 ? ? A DG 4  B DC 21 1_555 ? ? ? ? ? ? WATSON-CRICK ? ? ? 
hydrog11 hydrog ? ? A DG 4  N2 ? ? ? 1_555 B DC 9  O2 ? ? A DG 4  B DC 21 1_555 ? ? ? ? ? ? WATSON-CRICK ? ? ? 
hydrog12 hydrog ? ? A DG 4  O6 ? ? ? 1_555 B DC 9  N4 ? ? A DG 4  B DC 21 1_555 ? ? ? ? ? ? WATSON-CRICK ? ? ? 
hydrog13 hydrog ? ? A DT 5  N3 ? ? ? 1_555 B DA 8  N1 ? ? A DT 5  B DA 20 1_555 ? ? ? ? ? ? WATSON-CRICK ? ? ? 
hydrog14 hydrog ? ? A DT 5  O4 ? ? ? 1_555 B DA 8  N6 ? ? A DT 5  B DA 20 1_555 ? ? ? ? ? ? WATSON-CRICK ? ? ? 
hydrog15 hydrog ? ? A DT 6  N3 ? ? ? 1_555 B DA 7  N1 ? ? A DT 6  B DA 19 1_555 ? ? ? ? ? ? WATSON-CRICK ? ? ? 
hydrog16 hydrog ? ? A DT 6  O4 ? ? ? 1_555 B DA 7  N6 ? ? A DT 6  B DA 19 1_555 ? ? ? ? ? ? WATSON-CRICK ? ? ? 
hydrog17 hydrog ? ? A DA 7  N1 ? ? ? 1_555 B DT 6  N3 ? ? A DA 7  B DT 18 1_555 ? ? ? ? ? ? WATSON-CRICK ? ? ? 
hydrog18 hydrog ? ? A DA 7  N6 ? ? ? 1_555 B DT 6  O4 ? ? A DA 7  B DT 18 1_555 ? ? ? ? ? ? WATSON-CRICK ? ? ? 
hydrog19 hydrog ? ? A DA 8  N1 ? ? ? 1_555 B DT 5  N3 ? ? A DA 8  B DT 17 1_555 ? ? ? ? ? ? WATSON-CRICK ? ? ? 
hydrog20 hydrog ? ? A DA 8  N6 ? ? ? 1_555 B DT 5  O4 ? ? A DA 8  B DT 17 1_555 ? ? ? ? ? ? WATSON-CRICK ? ? ? 
hydrog21 hydrog ? ? A DC 9  N3 ? ? ? 1_555 B DG 4  N1 ? ? A DC 9  B DG 16 1_555 ? ? ? ? ? ? WATSON-CRICK ? ? ? 
hydrog22 hydrog ? ? A DC 9  N4 ? ? ? 1_555 B DG 4  O6 ? ? A DC 9  B DG 16 1_555 ? ? ? ? ? ? WATSON-CRICK ? ? ? 
hydrog23 hydrog ? ? A DC 9  O2 ? ? ? 1_555 B DG 4  N2 ? ? A DC 9  B DG 16 1_555 ? ? ? ? ? ? WATSON-CRICK ? ? ? 
hydrog24 hydrog ? ? A DG 10 N1 ? ? ? 1_555 B DC 3  N3 ? ? A DG 10 B DC 15 1_555 ? ? ? ? ? ? WATSON-CRICK ? ? ? 
hydrog25 hydrog ? ? A DG 10 N2 ? ? ? 1_555 B DC 3  O2 ? ? A DG 10 B DC 15 1_555 ? ? ? ? ? ? WATSON-CRICK ? ? ? 
hydrog26 hydrog ? ? A DG 10 O6 ? ? ? 1_555 B DC 3  N4 ? ? A DG 10 B DC 15 1_555 ? ? ? ? ? ? WATSON-CRICK ? ? ? 
hydrog27 hydrog ? ? A DG 11 N1 ? ? ? 1_555 B DC 2  N3 ? ? A DG 11 B DC 14 1_555 ? ? ? ? ? ? WATSON-CRICK ? ? ? 
hydrog28 hydrog ? ? A DG 11 N2 ? ? ? 1_555 B DC 2  O2 ? ? A DG 11 B DC 14 1_555 ? ? ? ? ? ? WATSON-CRICK ? ? ? 
hydrog29 hydrog ? ? A DG 11 O6 ? ? ? 1_555 B DC 2  N4 ? ? A DG 11 B DC 14 1_555 ? ? ? ? ? ? WATSON-CRICK ? ? ? 
hydrog30 hydrog ? ? A DC 12 N3 ? ? ? 1_555 B DG 1  N1 ? ? A DC 12 B DG 13 1_555 ? ? ? ? ? ? WATSON-CRICK ? ? ? 
hydrog31 hydrog ? ? A DC 12 N4 ? ? ? 1_555 B DG 1  O6 ? ? A DC 12 B DG 13 1_555 ? ? ? ? ? ? WATSON-CRICK ? ? ? 
hydrog32 hydrog ? ? A DC 12 O2 ? ? ? 1_555 B DG 1  N2 ? ? A DC 12 B DG 13 1_555 ? ? ? ? ? ? WATSON-CRICK ? ? ? 
# 
_struct_conn_type.id          hydrog 
_struct_conn_type.criteria    ? 
_struct_conn_type.reference   ? 
# 
loop_
_pdbx_validate_rmsd_bond.id 
_pdbx_validate_rmsd_bond.PDB_model_num 
_pdbx_validate_rmsd_bond.auth_atom_id_1 
_pdbx_validate_rmsd_bond.auth_asym_id_1 
_pdbx_validate_rmsd_bond.auth_comp_id_1 
_pdbx_validate_rmsd_bond.auth_seq_id_1 
_pdbx_validate_rmsd_bond.PDB_ins_code_1 
_pdbx_validate_rmsd_bond.label_alt_id_1 
_pdbx_validate_rmsd_bond.auth_atom_id_2 
_pdbx_validate_rmsd_bond.auth_asym_id_2 
_pdbx_validate_rmsd_bond.auth_comp_id_2 
_pdbx_validate_rmsd_bond.auth_seq_id_2 
_pdbx_validate_rmsd_bond.PDB_ins_code_2 
_pdbx_validate_rmsd_bond.label_alt_id_2 
_pdbx_validate_rmsd_bond.bond_value 
_pdbx_validate_rmsd_bond.bond_target_value 
_pdbx_validate_rmsd_bond.bond_deviation 
_pdbx_validate_rmsd_bond.bond_standard_deviation 
_pdbx_validate_rmsd_bond.linker_flag 
1  1 P     A DG 1  ? ? OP2   A DG 1  ? ? 1.602 1.485 0.117  0.017 N 
2  1 P     A DG 1  ? ? OP3   A DG 1  ? ? 1.480 1.607 -0.127 0.012 N 
3  1 "C2'" A DG 1  ? ? "C1'" A DG 1  ? ? 1.435 1.518 -0.083 0.010 N 
4  1 "O3'" A DC 2  ? ? P     A DC 3  ? ? 1.525 1.607 -0.082 0.012 Y 
5  1 "O3'" A DG 4  ? ? "C3'" A DG 4  ? ? 1.383 1.419 -0.036 0.006 N 
6  1 "O3'" A DG 4  ? ? P     A DT 5  ? ? 1.475 1.607 -0.132 0.012 Y 
7  1 "O4'" A DT 5  ? ? "C1'" A DT 5  ? ? 1.507 1.420 0.087  0.011 N 
8  1 C5    A DT 5  ? ? C6    A DT 5  ? ? 1.389 1.339 0.050  0.007 N 
9  1 "O3'" A DT 5  ? ? P     A DT 6  ? ? 1.513 1.607 -0.094 0.012 Y 
10 1 "O4'" A DT 6  ? ? "C1'" A DT 6  ? ? 1.486 1.420 0.066  0.011 N 
11 1 C5    A DT 6  ? ? C6    A DT 6  ? ? 1.387 1.339 0.048  0.007 N 
12 1 "O3'" A DT 6  ? ? P     A DA 7  ? ? 1.492 1.607 -0.115 0.012 Y 
13 1 "O4'" A DC 12 ? ? "C1'" A DC 12 ? ? 1.557 1.420 0.137  0.011 N 
14 1 P     B DG 13 ? ? OP2   B DG 13 ? ? 1.601 1.485 0.116  0.017 N 
15 1 P     B DG 13 ? ? OP3   B DG 13 ? ? 1.481 1.607 -0.126 0.012 N 
16 1 "C2'" B DG 13 ? ? "C1'" B DG 13 ? ? 1.437 1.518 -0.081 0.010 N 
17 1 "O3'" B DC 14 ? ? P     B DC 15 ? ? 1.526 1.607 -0.081 0.012 Y 
18 1 "O3'" B DG 16 ? ? "C3'" B DG 16 ? ? 1.382 1.419 -0.037 0.006 N 
19 1 "O3'" B DG 16 ? ? P     B DT 17 ? ? 1.477 1.607 -0.130 0.012 Y 
20 1 "O4'" B DT 17 ? ? "C1'" B DT 17 ? ? 1.505 1.420 0.085  0.011 N 
21 1 C5    B DT 17 ? ? C6    B DT 17 ? ? 1.389 1.339 0.050  0.007 N 
22 1 "O3'" B DT 17 ? ? P     B DT 18 ? ? 1.513 1.607 -0.094 0.012 Y 
23 1 "O4'" B DT 18 ? ? "C1'" B DT 18 ? ? 1.488 1.420 0.068  0.011 N 
24 1 C5    B DT 18 ? ? C6    B DT 18 ? ? 1.386 1.339 0.047  0.007 N 
25 1 "O3'" B DT 18 ? ? P     B DA 19 ? ? 1.494 1.607 -0.113 0.012 Y 
26 1 "O4'" B DC 24 ? ? "C1'" B DC 24 ? ? 1.557 1.420 0.137  0.011 N 
# 
loop_
_pdbx_validate_rmsd_angle.id 
_pdbx_validate_rmsd_angle.PDB_model_num 
_pdbx_validate_rmsd_angle.auth_atom_id_1 
_pdbx_validate_rmsd_angle.auth_asym_id_1 
_pdbx_validate_rmsd_angle.auth_comp_id_1 
_pdbx_validate_rmsd_angle.auth_seq_id_1 
_pdbx_validate_rmsd_angle.PDB_ins_code_1 
_pdbx_validate_rmsd_angle.label_alt_id_1 
_pdbx_validate_rmsd_angle.auth_atom_id_2 
_pdbx_validate_rmsd_angle.auth_asym_id_2 
_pdbx_validate_rmsd_angle.auth_comp_id_2 
_pdbx_validate_rmsd_angle.auth_seq_id_2 
_pdbx_validate_rmsd_angle.PDB_ins_code_2 
_pdbx_validate_rmsd_angle.label_alt_id_2 
_pdbx_validate_rmsd_angle.auth_atom_id_3 
_pdbx_validate_rmsd_angle.auth_asym_id_3 
_pdbx_validate_rmsd_angle.auth_comp_id_3 
_pdbx_validate_rmsd_angle.auth_seq_id_3 
_pdbx_validate_rmsd_angle.PDB_ins_code_3 
_pdbx_validate_rmsd_angle.label_alt_id_3 
_pdbx_validate_rmsd_angle.angle_value 
_pdbx_validate_rmsd_angle.angle_target_value 
_pdbx_validate_rmsd_angle.angle_deviation 
_pdbx_validate_rmsd_angle.angle_standard_deviation 
_pdbx_validate_rmsd_angle.linker_flag 
1  1 OP1   A DG 1  ? ? P     A DG 1  ? ? OP2   A DG 1  ? ? 109.17 119.60 -10.43 1.50 N 
2  1 "O4'" A DG 1  ? ? "C1'" A DG 1  ? ? N9    A DG 1  ? ? 101.49 108.00 -6.51  0.70 N 
3  1 "C3'" A DG 1  ? ? "O3'" A DG 1  ? ? P     A DC 2  ? ? 127.67 119.70 7.97   1.20 Y 
4  1 "O4'" A DC 2  ? ? "C1'" A DC 2  ? ? N1    A DC 2  ? ? 96.90  108.00 -11.10 0.70 N 
5  1 "C3'" A DC 2  ? ? "O3'" A DC 2  ? ? P     A DC 3  ? ? 136.57 119.70 16.87  1.20 Y 
6  1 "O4'" A DC 3  ? ? "C1'" A DC 3  ? ? N1    A DC 3  ? ? 97.82  108.00 -10.18 0.70 N 
7  1 "C3'" A DC 3  ? ? "O3'" A DC 3  ? ? P     A DG 4  ? ? 133.94 119.70 14.24  1.20 Y 
8  1 "C5'" A DG 4  ? ? "C4'" A DG 4  ? ? "O4'" A DG 4  ? ? 123.57 109.80 13.77  1.10 N 
9  1 "O4'" A DG 4  ? ? "C1'" A DG 4  ? ? N9    A DG 4  ? ? 103.61 108.00 -4.39  0.70 N 
10 1 "C3'" A DG 4  ? ? "O3'" A DG 4  ? ? P     A DT 5  ? ? 136.71 119.70 17.01  1.20 Y 
11 1 "O4'" A DT 5  ? ? "C1'" A DT 5  ? ? "C2'" A DT 5  ? ? 100.10 105.90 -5.80  0.80 N 
12 1 "O4'" A DT 5  ? ? "C1'" A DT 5  ? ? N1    A DT 5  ? ? 101.19 108.00 -6.81  0.70 N 
13 1 N1    A DT 5  ? ? C2    A DT 5  ? ? N3    A DT 5  ? ? 118.27 114.60 3.67   0.60 N 
14 1 C2    A DT 5  ? ? N3    A DT 5  ? ? C4    A DT 5  ? ? 122.84 127.20 -4.36  0.60 N 
15 1 C5    A DT 5  ? ? C6    A DT 5  ? ? N1    A DT 5  ? ? 119.90 123.70 -3.80  0.60 N 
16 1 "C3'" A DT 5  ? ? "O3'" A DT 5  ? ? P     A DT 6  ? ? 132.03 119.70 12.33  1.20 Y 
17 1 "C5'" A DT 6  ? ? "C4'" A DT 6  ? ? "O4'" A DT 6  ? ? 119.47 109.80 9.67   1.10 N 
18 1 "O4'" A DT 6  ? ? "C1'" A DT 6  ? ? N1    A DT 6  ? ? 97.62  108.00 -10.38 0.70 N 
19 1 C2    A DT 6  ? ? N3    A DT 6  ? ? C4    A DT 6  ? ? 122.88 127.20 -4.32  0.60 N 
20 1 C5    A DT 6  ? ? C6    A DT 6  ? ? N1    A DT 6  ? ? 119.82 123.70 -3.88  0.60 N 
21 1 "C3'" A DT 6  ? ? "O3'" A DT 6  ? ? P     A DA 7  ? ? 133.53 119.70 13.83  1.20 Y 
22 1 "C5'" A DA 7  ? ? "C4'" A DA 7  ? ? "O4'" A DA 7  ? ? 120.77 109.80 10.97  1.10 N 
23 1 "O4'" A DA 7  ? ? "C1'" A DA 7  ? ? "C2'" A DA 7  ? ? 100.18 105.90 -5.72  0.80 N 
24 1 "O4'" A DA 7  ? ? "C1'" A DA 7  ? ? N9    A DA 7  ? ? 102.14 108.00 -5.86  0.70 N 
25 1 "C3'" A DA 7  ? ? "O3'" A DA 7  ? ? P     A DA 8  ? ? 131.40 119.70 11.70  1.20 Y 
26 1 "O4'" A DC 9  ? ? "C1'" A DC 9  ? ? N1    A DC 9  ? ? 103.37 108.00 -4.63  0.70 N 
27 1 "C3'" A DC 9  ? ? "O3'" A DC 9  ? ? P     A DG 10 ? ? 137.44 119.70 17.74  1.20 Y 
28 1 "C3'" A DG 10 ? ? "O3'" A DG 10 ? ? P     A DG 11 ? ? 130.93 119.70 11.23  1.20 Y 
29 1 "O4'" A DG 11 ? ? "C1'" A DG 11 ? ? N9    A DG 11 ? ? 103.67 108.00 -4.33  0.70 N 
30 1 "C3'" A DG 11 ? ? "O3'" A DG 11 ? ? P     A DC 12 ? ? 126.96 119.70 7.26   1.20 Y 
31 1 "C1'" A DC 12 ? ? "O4'" A DC 12 ? ? "C4'" A DC 12 ? ? 101.73 110.10 -8.37  1.00 N 
32 1 "O4'" A DC 12 ? ? "C1'" A DC 12 ? ? "C2'" A DC 12 ? ? 100.69 105.90 -5.21  0.80 N 
33 1 "O4'" A DC 12 ? ? "C1'" A DC 12 ? ? N1    A DC 12 ? ? 98.96  108.00 -9.04  0.70 N 
34 1 OP1   B DG 13 ? ? P     B DG 13 ? ? OP2   B DG 13 ? ? 109.14 119.60 -10.46 1.50 N 
35 1 "O4'" B DG 13 ? ? "C1'" B DG 13 ? ? N9    B DG 13 ? ? 101.43 108.00 -6.57  0.70 N 
36 1 "C3'" B DG 13 ? ? "O3'" B DG 13 ? ? P     B DC 14 ? ? 127.50 119.70 7.80   1.20 Y 
37 1 "O4'" B DC 14 ? ? "C1'" B DC 14 ? ? N1    B DC 14 ? ? 96.73  108.00 -11.27 0.70 N 
38 1 "C3'" B DC 14 ? ? "O3'" B DC 14 ? ? P     B DC 15 ? ? 136.52 119.70 16.82  1.20 Y 
39 1 "O4'" B DC 15 ? ? "C1'" B DC 15 ? ? N1    B DC 15 ? ? 97.58  108.00 -10.42 0.70 N 
40 1 "C3'" B DC 15 ? ? "O3'" B DC 15 ? ? P     B DG 16 ? ? 133.66 119.70 13.96  1.20 Y 
41 1 "C5'" B DG 16 ? ? "C4'" B DG 16 ? ? "O4'" B DG 16 ? ? 123.32 109.80 13.52  1.10 N 
42 1 "O4'" B DG 16 ? ? "C1'" B DG 16 ? ? N9    B DG 16 ? ? 103.50 108.00 -4.50  0.70 N 
43 1 "C3'" B DG 16 ? ? "O3'" B DG 16 ? ? P     B DT 17 ? ? 136.56 119.70 16.86  1.20 Y 
44 1 "O4'" B DT 17 ? ? "C1'" B DT 17 ? ? "C2'" B DT 17 ? ? 100.31 105.90 -5.59  0.80 N 
45 1 "O4'" B DT 17 ? ? "C1'" B DT 17 ? ? N1    B DT 17 ? ? 101.06 108.00 -6.94  0.70 N 
46 1 N1    B DT 17 ? ? C2    B DT 17 ? ? N3    B DT 17 ? ? 118.33 114.60 3.73   0.60 N 
47 1 C2    B DT 17 ? ? N3    B DT 17 ? ? C4    B DT 17 ? ? 122.85 127.20 -4.35  0.60 N 
48 1 C5    B DT 17 ? ? C6    B DT 17 ? ? N1    B DT 17 ? ? 119.89 123.70 -3.81  0.60 N 
49 1 "C3'" B DT 17 ? ? "O3'" B DT 17 ? ? P     B DT 18 ? ? 131.88 119.70 12.18  1.20 Y 
50 1 "C5'" B DT 18 ? ? "C4'" B DT 18 ? ? "O4'" B DT 18 ? ? 119.16 109.80 9.36   1.10 N 
51 1 "O4'" B DT 18 ? ? "C1'" B DT 18 ? ? N1    B DT 18 ? ? 97.47  108.00 -10.53 0.70 N 
52 1 C2    B DT 18 ? ? N3    B DT 18 ? ? C4    B DT 18 ? ? 122.92 127.20 -4.28  0.60 N 
53 1 C5    B DT 18 ? ? C6    B DT 18 ? ? N1    B DT 18 ? ? 119.82 123.70 -3.88  0.60 N 
54 1 "C3'" B DT 18 ? ? "O3'" B DT 18 ? ? P     B DA 19 ? ? 133.29 119.70 13.59  1.20 Y 
55 1 "C5'" B DA 19 ? ? "C4'" B DA 19 ? ? "O4'" B DA 19 ? ? 120.88 109.80 11.08  1.10 N 
56 1 "O4'" B DA 19 ? ? "C1'" B DA 19 ? ? "C2'" B DA 19 ? ? 100.08 105.90 -5.82  0.80 N 
57 1 "O4'" B DA 19 ? ? "C1'" B DA 19 ? ? N9    B DA 19 ? ? 102.20 108.00 -5.80  0.70 N 
58 1 "C3'" B DA 19 ? ? "O3'" B DA 19 ? ? P     B DA 20 ? ? 131.68 119.70 11.98  1.20 Y 
59 1 "O4'" B DC 21 ? ? "C1'" B DC 21 ? ? N1    B DC 21 ? ? 103.52 108.00 -4.48  0.70 N 
60 1 "C3'" B DC 21 ? ? "O3'" B DC 21 ? ? P     B DG 22 ? ? 137.68 119.70 17.98  1.20 Y 
61 1 "C5'" B DG 22 ? ? "C4'" B DG 22 ? ? "O4'" B DG 22 ? ? 116.61 109.80 6.81   1.10 N 
62 1 "C3'" B DG 22 ? ? "O3'" B DG 22 ? ? P     B DG 23 ? ? 131.06 119.70 11.36  1.20 Y 
63 1 "C1'" B DC 24 ? ? "O4'" B DC 24 ? ? "C4'" B DC 24 ? ? 101.76 110.10 -8.34  1.00 N 
64 1 "O4'" B DC 24 ? ? "C1'" B DC 24 ? ? "C2'" B DC 24 ? ? 100.66 105.90 -5.24  0.80 N 
65 1 "O4'" B DC 24 ? ? "C1'" B DC 24 ? ? N1    B DC 24 ? ? 98.92  108.00 -9.08  0.70 N 
# 
loop_
_pdbx_validate_planes.id 
_pdbx_validate_planes.PDB_model_num 
_pdbx_validate_planes.auth_comp_id 
_pdbx_validate_planes.auth_asym_id 
_pdbx_validate_planes.auth_seq_id 
_pdbx_validate_planes.PDB_ins_code 
_pdbx_validate_planes.label_alt_id 
_pdbx_validate_planes.rmsd 
_pdbx_validate_planes.type 
1  1 DC A 3  ? ? 0.063 'SIDE CHAIN' 
2  1 DT A 5  ? ? 0.081 'SIDE CHAIN' 
3  1 DT A 6  ? ? 0.083 'SIDE CHAIN' 
4  1 DA A 7  ? ? 0.072 'SIDE CHAIN' 
5  1 DC A 9  ? ? 0.063 'SIDE CHAIN' 
6  1 DC A 12 ? ? 0.064 'SIDE CHAIN' 
7  1 DT B 17 ? ? 0.081 'SIDE CHAIN' 
8  1 DT B 18 ? ? 0.082 'SIDE CHAIN' 
9  1 DA B 19 ? ? 0.072 'SIDE CHAIN' 
10 1 DC B 21 ? ? 0.065 'SIDE CHAIN' 
11 1 DC B 24 ? ? 0.064 'SIDE CHAIN' 
# 
_pdbx_entry_details.compound_details         
;THE DNA DODECAMER CONTAINS THE HPA I RESTRICTION SEQUENCE
D(GCCGTT:AACGGC)=2=.
;
_pdbx_entry_details.entry_id                 132D 
_pdbx_entry_details.source_details           ? 
_pdbx_entry_details.nonpolymer_details       ? 
_pdbx_entry_details.sequence_details         ? 
_pdbx_entry_details.has_ligand_of_interest   ? 
# 
_pdbx_nmr_ensemble.entry_id                                      132D 
_pdbx_nmr_ensemble.conformers_calculated_total_number            1 
_pdbx_nmr_ensemble.conformers_submitted_total_number             1 
_pdbx_nmr_ensemble.conformer_selection_criteria                  ? 
_pdbx_nmr_ensemble.average_constraints_per_residue               ? 
_pdbx_nmr_ensemble.average_constraint_violations_per_residue     ? 
_pdbx_nmr_ensemble.maximum_distance_constraint_violation         ? 
_pdbx_nmr_ensemble.average_distance_constraint_violation         ? 
_pdbx_nmr_ensemble.maximum_upper_distance_constraint_violation   ? 
_pdbx_nmr_ensemble.maximum_lower_distance_constraint_violation   ? 
_pdbx_nmr_ensemble.distance_constraint_violation_method          ? 
_pdbx_nmr_ensemble.maximum_torsion_angle_constraint_violation    ? 
_pdbx_nmr_ensemble.average_torsion_angle_constraint_violation    ? 
_pdbx_nmr_ensemble.torsion_angle_constraint_violation_method     ? 
# 
_pdbx_nmr_exptl.experiment_id   1 
_pdbx_nmr_exptl.conditions_id   1 
_pdbx_nmr_exptl.solution_id     1 
_pdbx_nmr_exptl.type            '2D NOESY' 
# 
_pdbx_nmr_details.entry_id   132D 
_pdbx_nmr_details.text       '2-D NMR SPECTRA WERE USED' 
# 
_pdbx_nmr_refine.entry_id           132D 
_pdbx_nmr_refine.method             'distance geometry' 
_pdbx_nmr_refine.details            'NOE DISTANCE CONSTRAINTS. THE R VALUE IS 0.18 FOR 80 INTERPROTON DISTANCES.' 
_pdbx_nmr_refine.software_ordinal   1 
# 
_pdbx_nmr_software.name             DSPACE 
_pdbx_nmr_software.version          ? 
_pdbx_nmr_software.classification   refinement 
_pdbx_nmr_software.authors          'Hare Research, Inc.' 
_pdbx_nmr_software.ordinal          1 
# 
loop_
_chem_comp_atom.comp_id 
_chem_comp_atom.atom_id 
_chem_comp_atom.type_symbol 
_chem_comp_atom.pdbx_aromatic_flag 
_chem_comp_atom.pdbx_stereo_config 
_chem_comp_atom.pdbx_ordinal 
DA OP3    O N N 1   
DA P      P N N 2   
DA OP1    O N N 3   
DA OP2    O N N 4   
DA "O5'"  O N N 5   
DA "C5'"  C N N 6   
DA "C4'"  C N R 7   
DA "O4'"  O N N 8   
DA "C3'"  C N S 9   
DA "O3'"  O N N 10  
DA "C2'"  C N N 11  
DA "C1'"  C N R 12  
DA N9     N Y N 13  
DA C8     C Y N 14  
DA N7     N Y N 15  
DA C5     C Y N 16  
DA C6     C Y N 17  
DA N6     N N N 18  
DA N1     N Y N 19  
DA C2     C Y N 20  
DA N3     N Y N 21  
DA C4     C Y N 22  
DA HOP3   H N N 23  
DA HOP2   H N N 24  
DA "H5'"  H N N 25  
DA "H5''" H N N 26  
DA "H4'"  H N N 27  
DA "H3'"  H N N 28  
DA "HO3'" H N N 29  
DA "H2'"  H N N 30  
DA "H2''" H N N 31  
DA "H1'"  H N N 32  
DA H8     H N N 33  
DA H61    H N N 34  
DA H62    H N N 35  
DA H2     H N N 36  
DC OP3    O N N 37  
DC P      P N N 38  
DC OP1    O N N 39  
DC OP2    O N N 40  
DC "O5'"  O N N 41  
DC "C5'"  C N N 42  
DC "C4'"  C N R 43  
DC "O4'"  O N N 44  
DC "C3'"  C N S 45  
DC "O3'"  O N N 46  
DC "C2'"  C N N 47  
DC "C1'"  C N R 48  
DC N1     N N N 49  
DC C2     C N N 50  
DC O2     O N N 51  
DC N3     N N N 52  
DC C4     C N N 53  
DC N4     N N N 54  
DC C5     C N N 55  
DC C6     C N N 56  
DC HOP3   H N N 57  
DC HOP2   H N N 58  
DC "H5'"  H N N 59  
DC "H5''" H N N 60  
DC "H4'"  H N N 61  
DC "H3'"  H N N 62  
DC "HO3'" H N N 63  
DC "H2'"  H N N 64  
DC "H2''" H N N 65  
DC "H1'"  H N N 66  
DC H41    H N N 67  
DC H42    H N N 68  
DC H5     H N N 69  
DC H6     H N N 70  
DG OP3    O N N 71  
DG P      P N N 72  
DG OP1    O N N 73  
DG OP2    O N N 74  
DG "O5'"  O N N 75  
DG "C5'"  C N N 76  
DG "C4'"  C N R 77  
DG "O4'"  O N N 78  
DG "C3'"  C N S 79  
DG "O3'"  O N N 80  
DG "C2'"  C N N 81  
DG "C1'"  C N R 82  
DG N9     N Y N 83  
DG C8     C Y N 84  
DG N7     N Y N 85  
DG C5     C Y N 86  
DG C6     C N N 87  
DG O6     O N N 88  
DG N1     N N N 89  
DG C2     C N N 90  
DG N2     N N N 91  
DG N3     N N N 92  
DG C4     C Y N 93  
DG HOP3   H N N 94  
DG HOP2   H N N 95  
DG "H5'"  H N N 96  
DG "H5''" H N N 97  
DG "H4'"  H N N 98  
DG "H3'"  H N N 99  
DG "HO3'" H N N 100 
DG "H2'"  H N N 101 
DG "H2''" H N N 102 
DG "H1'"  H N N 103 
DG H8     H N N 104 
DG H1     H N N 105 
DG H21    H N N 106 
DG H22    H N N 107 
DT OP3    O N N 108 
DT P      P N N 109 
DT OP1    O N N 110 
DT OP2    O N N 111 
DT "O5'"  O N N 112 
DT "C5'"  C N N 113 
DT "C4'"  C N R 114 
DT "O4'"  O N N 115 
DT "C3'"  C N S 116 
DT "O3'"  O N N 117 
DT "C2'"  C N N 118 
DT "C1'"  C N R 119 
DT N1     N N N 120 
DT C2     C N N 121 
DT O2     O N N 122 
DT N3     N N N 123 
DT C4     C N N 124 
DT O4     O N N 125 
DT C5     C N N 126 
DT C7     C N N 127 
DT C6     C N N 128 
DT HOP3   H N N 129 
DT HOP2   H N N 130 
DT "H5'"  H N N 131 
DT "H5''" H N N 132 
DT "H4'"  H N N 133 
DT "H3'"  H N N 134 
DT "HO3'" H N N 135 
DT "H2'"  H N N 136 
DT "H2''" H N N 137 
DT "H1'"  H N N 138 
DT H3     H N N 139 
DT H71    H N N 140 
DT H72    H N N 141 
DT H73    H N N 142 
DT H6     H N N 143 
# 
loop_
_chem_comp_bond.comp_id 
_chem_comp_bond.atom_id_1 
_chem_comp_bond.atom_id_2 
_chem_comp_bond.value_order 
_chem_comp_bond.pdbx_aromatic_flag 
_chem_comp_bond.pdbx_stereo_config 
_chem_comp_bond.pdbx_ordinal 
DA OP3   P      sing N N 1   
DA OP3   HOP3   sing N N 2   
DA P     OP1    doub N N 3   
DA P     OP2    sing N N 4   
DA P     "O5'"  sing N N 5   
DA OP2   HOP2   sing N N 6   
DA "O5'" "C5'"  sing N N 7   
DA "C5'" "C4'"  sing N N 8   
DA "C5'" "H5'"  sing N N 9   
DA "C5'" "H5''" sing N N 10  
DA "C4'" "O4'"  sing N N 11  
DA "C4'" "C3'"  sing N N 12  
DA "C4'" "H4'"  sing N N 13  
DA "O4'" "C1'"  sing N N 14  
DA "C3'" "O3'"  sing N N 15  
DA "C3'" "C2'"  sing N N 16  
DA "C3'" "H3'"  sing N N 17  
DA "O3'" "HO3'" sing N N 18  
DA "C2'" "C1'"  sing N N 19  
DA "C2'" "H2'"  sing N N 20  
DA "C2'" "H2''" sing N N 21  
DA "C1'" N9     sing N N 22  
DA "C1'" "H1'"  sing N N 23  
DA N9    C8     sing Y N 24  
DA N9    C4     sing Y N 25  
DA C8    N7     doub Y N 26  
DA C8    H8     sing N N 27  
DA N7    C5     sing Y N 28  
DA C5    C6     sing Y N 29  
DA C5    C4     doub Y N 30  
DA C6    N6     sing N N 31  
DA C6    N1     doub Y N 32  
DA N6    H61    sing N N 33  
DA N6    H62    sing N N 34  
DA N1    C2     sing Y N 35  
DA C2    N3     doub Y N 36  
DA C2    H2     sing N N 37  
DA N3    C4     sing Y N 38  
DC OP3   P      sing N N 39  
DC OP3   HOP3   sing N N 40  
DC P     OP1    doub N N 41  
DC P     OP2    sing N N 42  
DC P     "O5'"  sing N N 43  
DC OP2   HOP2   sing N N 44  
DC "O5'" "C5'"  sing N N 45  
DC "C5'" "C4'"  sing N N 46  
DC "C5'" "H5'"  sing N N 47  
DC "C5'" "H5''" sing N N 48  
DC "C4'" "O4'"  sing N N 49  
DC "C4'" "C3'"  sing N N 50  
DC "C4'" "H4'"  sing N N 51  
DC "O4'" "C1'"  sing N N 52  
DC "C3'" "O3'"  sing N N 53  
DC "C3'" "C2'"  sing N N 54  
DC "C3'" "H3'"  sing N N 55  
DC "O3'" "HO3'" sing N N 56  
DC "C2'" "C1'"  sing N N 57  
DC "C2'" "H2'"  sing N N 58  
DC "C2'" "H2''" sing N N 59  
DC "C1'" N1     sing N N 60  
DC "C1'" "H1'"  sing N N 61  
DC N1    C2     sing N N 62  
DC N1    C6     sing N N 63  
DC C2    O2     doub N N 64  
DC C2    N3     sing N N 65  
DC N3    C4     doub N N 66  
DC C4    N4     sing N N 67  
DC C4    C5     sing N N 68  
DC N4    H41    sing N N 69  
DC N4    H42    sing N N 70  
DC C5    C6     doub N N 71  
DC C5    H5     sing N N 72  
DC C6    H6     sing N N 73  
DG OP3   P      sing N N 74  
DG OP3   HOP3   sing N N 75  
DG P     OP1    doub N N 76  
DG P     OP2    sing N N 77  
DG P     "O5'"  sing N N 78  
DG OP2   HOP2   sing N N 79  
DG "O5'" "C5'"  sing N N 80  
DG "C5'" "C4'"  sing N N 81  
DG "C5'" "H5'"  sing N N 82  
DG "C5'" "H5''" sing N N 83  
DG "C4'" "O4'"  sing N N 84  
DG "C4'" "C3'"  sing N N 85  
DG "C4'" "H4'"  sing N N 86  
DG "O4'" "C1'"  sing N N 87  
DG "C3'" "O3'"  sing N N 88  
DG "C3'" "C2'"  sing N N 89  
DG "C3'" "H3'"  sing N N 90  
DG "O3'" "HO3'" sing N N 91  
DG "C2'" "C1'"  sing N N 92  
DG "C2'" "H2'"  sing N N 93  
DG "C2'" "H2''" sing N N 94  
DG "C1'" N9     sing N N 95  
DG "C1'" "H1'"  sing N N 96  
DG N9    C8     sing Y N 97  
DG N9    C4     sing Y N 98  
DG C8    N7     doub Y N 99  
DG C8    H8     sing N N 100 
DG N7    C5     sing Y N 101 
DG C5    C6     sing N N 102 
DG C5    C4     doub Y N 103 
DG C6    O6     doub N N 104 
DG C6    N1     sing N N 105 
DG N1    C2     sing N N 106 
DG N1    H1     sing N N 107 
DG C2    N2     sing N N 108 
DG C2    N3     doub N N 109 
DG N2    H21    sing N N 110 
DG N2    H22    sing N N 111 
DG N3    C4     sing N N 112 
DT OP3   P      sing N N 113 
DT OP3   HOP3   sing N N 114 
DT P     OP1    doub N N 115 
DT P     OP2    sing N N 116 
DT P     "O5'"  sing N N 117 
DT OP2   HOP2   sing N N 118 
DT "O5'" "C5'"  sing N N 119 
DT "C5'" "C4'"  sing N N 120 
DT "C5'" "H5'"  sing N N 121 
DT "C5'" "H5''" sing N N 122 
DT "C4'" "O4'"  sing N N 123 
DT "C4'" "C3'"  sing N N 124 
DT "C4'" "H4'"  sing N N 125 
DT "O4'" "C1'"  sing N N 126 
DT "C3'" "O3'"  sing N N 127 
DT "C3'" "C2'"  sing N N 128 
DT "C3'" "H3'"  sing N N 129 
DT "O3'" "HO3'" sing N N 130 
DT "C2'" "C1'"  sing N N 131 
DT "C2'" "H2'"  sing N N 132 
DT "C2'" "H2''" sing N N 133 
DT "C1'" N1     sing N N 134 
DT "C1'" "H1'"  sing N N 135 
DT N1    C2     sing N N 136 
DT N1    C6     sing N N 137 
DT C2    O2     doub N N 138 
DT C2    N3     sing N N 139 
DT N3    C4     sing N N 140 
DT N3    H3     sing N N 141 
DT C4    O4     doub N N 142 
DT C4    C5     sing N N 143 
DT C5    C7     sing N N 144 
DT C5    C6     doub N N 145 
DT C7    H71    sing N N 146 
DT C7    H72    sing N N 147 
DT C7    H73    sing N N 148 
DT C6    H6     sing N N 149 
# 
loop_
_ndb_struct_conf_na.entry_id 
_ndb_struct_conf_na.feature 
132D 'double helix'        
132D 'b-form double helix' 
# 
loop_
_ndb_struct_na_base_pair.model_number 
_ndb_struct_na_base_pair.i_label_asym_id 
_ndb_struct_na_base_pair.i_label_comp_id 
_ndb_struct_na_base_pair.i_label_seq_id 
_ndb_struct_na_base_pair.i_symmetry 
_ndb_struct_na_base_pair.j_label_asym_id 
_ndb_struct_na_base_pair.j_label_comp_id 
_ndb_struct_na_base_pair.j_label_seq_id 
_ndb_struct_na_base_pair.j_symmetry 
_ndb_struct_na_base_pair.shear 
_ndb_struct_na_base_pair.stretch 
_ndb_struct_na_base_pair.stagger 
_ndb_struct_na_base_pair.buckle 
_ndb_struct_na_base_pair.propeller 
_ndb_struct_na_base_pair.opening 
_ndb_struct_na_base_pair.pair_number 
_ndb_struct_na_base_pair.pair_name 
_ndb_struct_na_base_pair.i_auth_asym_id 
_ndb_struct_na_base_pair.i_auth_seq_id 
_ndb_struct_na_base_pair.i_PDB_ins_code 
_ndb_struct_na_base_pair.j_auth_asym_id 
_ndb_struct_na_base_pair.j_auth_seq_id 
_ndb_struct_na_base_pair.j_PDB_ins_code 
_ndb_struct_na_base_pair.hbond_type_28 
_ndb_struct_na_base_pair.hbond_type_12 
1 A DG 1  1_555 B DC 12 1_555 -0.146 -0.186 1.039  27.258  33.354 4.783  1  A_DG1:DC24_B  A 1  ? B 24 ? 19 1 
1 A DC 2  1_555 B DG 11 1_555 0.476  -0.143 0.488  -16.015 37.124 7.331  2  A_DC2:DG23_B  A 2  ? B 23 ? 19 1 
1 A DC 3  1_555 B DG 10 1_555 0.187  -0.077 -0.367 -2.441  24.700 -5.425 3  A_DC3:DG22_B  A 3  ? B 22 ? 19 1 
1 A DG 4  1_555 B DC 9  1_555 0.075  -0.031 -0.361 -4.349  14.256 -5.035 4  A_DG4:DC21_B  A 4  ? B 21 ? 19 1 
1 A DT 5  1_555 B DA 8  1_555 -0.028 -0.186 -0.025 -13.718 11.786 0.036  5  A_DT5:DA20_B  A 5  ? B 20 ? 20 1 
1 A DT 6  1_555 B DA 7  1_555 0.192  -0.211 0.430  -7.743  16.543 5.977  6  A_DT6:DA19_B  A 6  ? B 19 ? 20 1 
1 A DA 7  1_555 B DT 6  1_555 -0.203 -0.210 0.448  8.453   16.416 6.217  7  A_DA7:DT18_B  A 7  ? B 18 ? 20 1 
1 A DA 8  1_555 B DT 5  1_555 0.018  -0.186 -0.018 13.926  11.393 0.310  8  A_DA8:DT17_B  A 8  ? B 17 ? 20 1 
1 A DC 9  1_555 B DG 4  1_555 -0.073 -0.030 -0.353 4.306   13.724 -4.711 9  A_DC9:DG16_B  A 9  ? B 16 ? 19 1 
1 A DG 10 1_555 B DC 3  1_555 -0.189 -0.076 -0.369 2.215   23.989 -5.282 10 A_DG10:DC15_B A 10 ? B 15 ? 19 1 
1 A DG 11 1_555 B DC 2  1_555 -0.476 -0.146 0.486  15.734  37.029 7.466  11 A_DG11:DC14_B A 11 ? B 14 ? 19 1 
1 A DC 12 1_555 B DG 1  1_555 0.147  -0.177 1.022  -27.356 33.206 4.749  12 A_DC12:DG13_B A 12 ? B 13 ? 19 1 
# 
loop_
_ndb_struct_na_base_pair_step.model_number 
_ndb_struct_na_base_pair_step.i_label_asym_id_1 
_ndb_struct_na_base_pair_step.i_label_comp_id_1 
_ndb_struct_na_base_pair_step.i_label_seq_id_1 
_ndb_struct_na_base_pair_step.i_symmetry_1 
_ndb_struct_na_base_pair_step.j_label_asym_id_1 
_ndb_struct_na_base_pair_step.j_label_comp_id_1 
_ndb_struct_na_base_pair_step.j_label_seq_id_1 
_ndb_struct_na_base_pair_step.j_symmetry_1 
_ndb_struct_na_base_pair_step.i_label_asym_id_2 
_ndb_struct_na_base_pair_step.i_label_comp_id_2 
_ndb_struct_na_base_pair_step.i_label_seq_id_2 
_ndb_struct_na_base_pair_step.i_symmetry_2 
_ndb_struct_na_base_pair_step.j_label_asym_id_2 
_ndb_struct_na_base_pair_step.j_label_comp_id_2 
_ndb_struct_na_base_pair_step.j_label_seq_id_2 
_ndb_struct_na_base_pair_step.j_symmetry_2 
_ndb_struct_na_base_pair_step.shift 
_ndb_struct_na_base_pair_step.slide 
_ndb_struct_na_base_pair_step.rise 
_ndb_struct_na_base_pair_step.tilt 
_ndb_struct_na_base_pair_step.roll 
_ndb_struct_na_base_pair_step.twist 
_ndb_struct_na_base_pair_step.x_displacement 
_ndb_struct_na_base_pair_step.y_displacement 
_ndb_struct_na_base_pair_step.helical_rise 
_ndb_struct_na_base_pair_step.inclination 
_ndb_struct_na_base_pair_step.tip 
_ndb_struct_na_base_pair_step.helical_twist 
_ndb_struct_na_base_pair_step.step_number 
_ndb_struct_na_base_pair_step.step_name 
_ndb_struct_na_base_pair_step.i_auth_asym_id_1 
_ndb_struct_na_base_pair_step.i_auth_seq_id_1 
_ndb_struct_na_base_pair_step.i_PDB_ins_code_1 
_ndb_struct_na_base_pair_step.j_auth_asym_id_1 
_ndb_struct_na_base_pair_step.j_auth_seq_id_1 
_ndb_struct_na_base_pair_step.j_PDB_ins_code_1 
_ndb_struct_na_base_pair_step.i_auth_asym_id_2 
_ndb_struct_na_base_pair_step.i_auth_seq_id_2 
_ndb_struct_na_base_pair_step.i_PDB_ins_code_2 
_ndb_struct_na_base_pair_step.j_auth_asym_id_2 
_ndb_struct_na_base_pair_step.j_auth_seq_id_2 
_ndb_struct_na_base_pair_step.j_PDB_ins_code_2 
1 A DG 1  1_555 B DC 12 1_555 A DC 2  1_555 B DG 11 1_555 -0.133 -1.233 5.389 2.937  16.137 34.146 -5.178 0.802  4.366 25.723  
-4.681  37.775 1  AA_DG1DC2:DG23DC24_BB   A 1  ? B 24 ? A 2  ? B 23 ? 
1 A DC 2  1_555 B DG 11 1_555 A DC 3  1_555 B DG 10 1_555 -0.994 -1.410 3.313 6.992  17.983 27.316 -5.032 2.734  1.777 33.320  
-12.955 33.337 2  AA_DC2DC3:DG22DG23_BB   A 2  ? B 23 ? A 3  ? B 22 ? 
1 A DC 3  1_555 B DG 10 1_555 A DG 4  1_555 B DC 9  1_555 -0.195 -1.515 3.739 -0.752 -8.814 27.127 -0.626 0.188  4.027 -18.188 
1.551   28.507 3  AA_DC3DG4:DC21DG22_BB   A 3  ? B 22 ? A 4  ? B 21 ? 
1 A DG 4  1_555 B DC 9  1_555 A DT 5  1_555 B DA 8  1_555 0.350  -1.527 3.805 -1.463 0.659  32.878 -2.825 -0.906 3.756 1.164   
2.583   32.916 4  AA_DG4DT5:DA20DC21_BB   A 4  ? B 21 ? A 5  ? B 20 ? 
1 A DT 5  1_555 B DA 8  1_555 A DT 6  1_555 B DA 7  1_555 0.019  -0.868 3.239 -3.496 -6.159 36.037 -0.527 -0.514 3.321 -9.838  
5.585   36.704 5  AA_DT5DT6:DA19DA20_BB   A 5  ? B 20 ? A 6  ? B 19 ? 
1 A DT 6  1_555 B DA 7  1_555 A DA 7  1_555 B DT 6  1_555 0.002  -1.064 3.311 -0.289 -9.372 28.360 0.012  -0.068 3.478 -18.501 
0.571   29.840 6  AA_DT6DA7:DT18DA19_BB   A 6  ? B 19 ? A 7  ? B 18 ? 
1 A DA 7  1_555 B DT 6  1_555 A DA 8  1_555 B DT 5  1_555 -0.029 -0.866 3.241 3.334  -5.504 36.074 -0.615 0.509  3.318 -8.801  
-5.331  36.625 7  AA_DA7DA8:DT17DT18_BB   A 7  ? B 18 ? A 8  ? B 17 ? 
1 A DA 8  1_555 B DT 5  1_555 A DC 9  1_555 B DG 4  1_555 -0.352 -1.528 3.795 1.412  1.332  32.920 -2.952 0.896  3.714 2.347   
-2.489  32.976 8  AA_DA8DC9:DG16DT17_BB   A 8  ? B 17 ? A 9  ? B 16 ? 
1 A DC 9  1_555 B DG 4  1_555 A DG 10 1_555 B DC 3  1_555 0.192  -1.525 3.728 0.844  -7.638 26.879 -0.970 -0.155 4.004 -16.019 
-1.770  27.937 9  AA_DC9DG10:DC15DG16_BB  A 9  ? B 16 ? A 10 ? B 15 ? 
1 A DG 10 1_555 B DC 3  1_555 A DG 11 1_555 B DC 2  1_555 1.010  -1.416 3.297 -6.959 18.786 27.291 -5.035 -2.701 1.702 34.528  
12.791  33.742 10 AA_DG10DG11:DC14DC15_BB A 10 ? B 15 ? A 11 ? B 14 ? 
1 A DG 11 1_555 B DC 2  1_555 A DC 12 1_555 B DG 1  1_555 0.141  -1.240 5.377 -2.741 16.289 34.190 -5.191 -0.769 4.344 25.916  
4.361   37.863 11 AA_DG11DC12:DG13DC14_BB A 11 ? B 14 ? A 12 ? B 13 ? 
# 
_atom_sites.entry_id                    132D 
_atom_sites.fract_transf_matrix[1][1]   1.000000 
_atom_sites.fract_transf_matrix[1][2]   0.000000 
_atom_sites.fract_transf_matrix[1][3]   0.000000 
_atom_sites.fract_transf_matrix[2][1]   0.000000 
_atom_sites.fract_transf_matrix[2][2]   1.000000 
_atom_sites.fract_transf_matrix[2][3]   0.000000 
_atom_sites.fract_transf_matrix[3][1]   0.000000 
_atom_sites.fract_transf_matrix[3][2]   0.000000 
_atom_sites.fract_transf_matrix[3][3]   1.000000 
_atom_sites.fract_transf_vector[1]      0.00000 
_atom_sites.fract_transf_vector[2]      0.00000 
_atom_sites.fract_transf_vector[3]      0.00000 
# 
loop_
_atom_type.symbol 
C 
H 
N 
O 
P 
# 
loop_
_atom_site.group_PDB 
_atom_site.id 
_atom_site.type_symbol 
_atom_site.label_atom_id 
_atom_site.label_alt_id 
_atom_site.label_comp_id 
_atom_site.label_asym_id 
_atom_site.label_entity_id 
_atom_site.label_seq_id 
_atom_site.pdbx_PDB_ins_code 
_atom_site.Cartn_x 
_atom_site.Cartn_y 
_atom_site.Cartn_z 
_atom_site.occupancy 
_atom_site.B_iso_or_equiv 
_atom_site.pdbx_formal_charge 
_atom_site.auth_seq_id 
_atom_site.auth_comp_id 
_atom_site.auth_asym_id 
_atom_site.auth_atom_id 
_atom_site.pdbx_PDB_model_num 
ATOM 1   O OP3    . DG A 1 1  ? -7.279  -13.571 21.474  1.00 0.00 ? 1  DG A OP3    1 
ATOM 2   P P      . DG A 1 1  ? -6.754  -12.946 22.708  1.00 0.00 ? 1  DG A P      1 
ATOM 3   O OP1    . DG A 1 1  ? -7.726  -12.799 23.822  1.00 0.00 ? 1  DG A OP1    1 
ATOM 4   O OP2    . DG A 1 1  ? -5.480  -13.767 23.226  1.00 0.00 ? 1  DG A OP2    1 
ATOM 5   O "O5'"  . DG A 1 1  ? -6.112  -11.533 22.367  1.00 0.00 ? 1  DG A "O5'"  1 
ATOM 6   C "C5'"  . DG A 1 1  ? -5.547  -11.288 21.055  1.00 0.00 ? 1  DG A "C5'"  1 
ATOM 7   C "C4'"  . DG A 1 1  ? -5.048  -9.870  20.988  1.00 0.00 ? 1  DG A "C4'"  1 
ATOM 8   O "O4'"  . DG A 1 1  ? -3.707  -9.822  20.464  1.00 0.00 ? 1  DG A "O4'"  1 
ATOM 9   C "C3'"  . DG A 1 1  ? -5.859  -8.824  20.216  1.00 0.00 ? 1  DG A "C3'"  1 
ATOM 10  O "O3'"  . DG A 1 1  ? -5.852  -7.618  20.979  1.00 0.00 ? 1  DG A "O3'"  1 
ATOM 11  C "C2'"  . DG A 1 1  ? -4.990  -8.599  18.967  1.00 0.00 ? 1  DG A "C2'"  1 
ATOM 12  C "C1'"  . DG A 1 1  ? -3.666  -8.773  19.493  1.00 0.00 ? 1  DG A "C1'"  1 
ATOM 13  N N9     . DG A 1 1  ? -2.515  -9.211  18.627  1.00 0.00 ? 1  DG A N9     1 
ATOM 14  C C8     . DG A 1 1  ? -2.495  -10.253 17.716  1.00 0.00 ? 1  DG A C8     1 
ATOM 15  N N7     . DG A 1 1  ? -1.296  -10.530 17.264  1.00 0.00 ? 1  DG A N7     1 
ATOM 16  C C5     . DG A 1 1  ? -0.459  -9.710  18.020  1.00 0.00 ? 1  DG A C5     1 
ATOM 17  C C6     . DG A 1 1  ? 0.958   -9.616  18.030  1.00 0.00 ? 1  DG A C6     1 
ATOM 18  O O6     . DG A 1 1  ? 1.776   -10.226 17.345  1.00 0.00 ? 1  DG A O6     1 
ATOM 19  N N1     . DG A 1 1  ? 1.402   -8.684  18.980  1.00 0.00 ? 1  DG A N1     1 
ATOM 20  C C2     . DG A 1 1  ? 0.585   -7.954  19.818  1.00 0.00 ? 1  DG A C2     1 
ATOM 21  N N2     . DG A 1 1  ? 1.206   -7.151  20.687  1.00 0.00 ? 1  DG A N2     1 
ATOM 22  N N3     . DG A 1 1  ? -0.743  -8.039  19.803  1.00 0.00 ? 1  DG A N3     1 
ATOM 23  C C4     . DG A 1 1  ? -1.191  -8.899  18.848  1.00 0.00 ? 1  DG A C4     1 
ATOM 24  H "H5'"  . DG A 1 1  ? -6.289  -11.480 20.294  1.00 0.00 ? 1  DG A "H5'"  1 
ATOM 25  H "H5''" . DG A 1 1  ? -4.698  -11.981 20.916  1.00 0.00 ? 1  DG A "H5''" 1 
ATOM 26  H "H4'"  . DG A 1 1  ? -4.935  -9.489  22.004  1.00 0.00 ? 1  DG A "H4'"  1 
ATOM 27  H "H3'"  . DG A 1 1  ? -6.854  -9.168  20.062  1.00 0.00 ? 1  DG A "H3'"  1 
ATOM 28  H "H2'"  . DG A 1 1  ? -5.313  -9.047  18.107  1.00 0.00 ? 1  DG A "H2'"  1 
ATOM 29  H "H2''" . DG A 1 1  ? -5.293  -7.638  18.563  1.00 0.00 ? 1  DG A "H2''" 1 
ATOM 30  H "H1'"  . DG A 1 1  ? -3.286  -7.820  19.963  1.00 0.00 ? 1  DG A "H1'"  1 
ATOM 31  H H8     . DG A 1 1  ? -3.373  -10.801 17.423  1.00 0.00 ? 1  DG A H8     1 
ATOM 32  H H1     . DG A 1 1  ? 2.385   -8.510  19.032  1.00 0.00 ? 1  DG A H1     1 
ATOM 33  H H21    . DG A 1 1  ? 2.215   -7.249  20.825  1.00 0.00 ? 1  DG A H21    1 
ATOM 34  H H22    . DG A 1 1  ? 0.665   -6.520  21.253  1.00 0.00 ? 1  DG A H22    1 
ATOM 35  P P      . DC A 1 2  ? -6.614  -6.288  20.672  1.00 0.00 ? 2  DC A P      1 
ATOM 36  O OP1    . DC A 1 2  ? -7.104  -5.700  21.949  1.00 0.00 ? 2  DC A OP1    1 
ATOM 37  O OP2    . DC A 1 2  ? -7.575  -6.506  19.565  1.00 0.00 ? 2  DC A OP2    1 
ATOM 38  O "O5'"  . DC A 1 2  ? -5.454  -5.319  20.116  1.00 0.00 ? 2  DC A "O5'"  1 
ATOM 39  C "C5'"  . DC A 1 2  ? -5.056  -4.174  20.883  1.00 0.00 ? 2  DC A "C5'"  1 
ATOM 40  C "C4'"  . DC A 1 2  ? -4.282  -3.208  20.022  1.00 0.00 ? 2  DC A "C4'"  1 
ATOM 41  O "O4'"  . DC A 1 2  ? -3.117  -3.803  19.467  1.00 0.00 ? 2  DC A "O4'"  1 
ATOM 42  C "C3'"  . DC A 1 2  ? -5.049  -2.573  18.845  1.00 0.00 ? 2  DC A "C3'"  1 
ATOM 43  O "O3'"  . DC A 1 2  ? -5.039  -1.186  19.050  1.00 0.00 ? 2  DC A "O3'"  1 
ATOM 44  C "C2'"  . DC A 1 2  ? -4.284  -2.973  17.612  1.00 0.00 ? 2  DC A "C2'"  1 
ATOM 45  C "C1'"  . DC A 1 2  ? -2.878  -3.101  18.191  1.00 0.00 ? 2  DC A "C1'"  1 
ATOM 46  N N1     . DC A 1 2  ? -2.185  -4.225  17.495  1.00 0.00 ? 2  DC A N1     1 
ATOM 47  C C2     . DC A 1 2  ? -0.908  -4.009  16.987  1.00 0.00 ? 2  DC A C2     1 
ATOM 48  O O2     . DC A 1 2  ? -0.396  -2.894  17.142  1.00 0.00 ? 2  DC A O2     1 
ATOM 49  N N3     . DC A 1 2  ? -0.353  -4.971  16.206  1.00 0.00 ? 2  DC A N3     1 
ATOM 50  C C4     . DC A 1 2  ? -0.935  -6.170  16.084  1.00 0.00 ? 2  DC A C4     1 
ATOM 51  N N4     . DC A 1 2  ? -0.316  -7.104  15.380  1.00 0.00 ? 2  DC A N4     1 
ATOM 52  C C5     . DC A 1 2  ? -2.206  -6.451  16.687  1.00 0.00 ? 2  DC A C5     1 
ATOM 53  C C6     . DC A 1 2  ? -2.770  -5.460  17.422  1.00 0.00 ? 2  DC A C6     1 
ATOM 54  H "H5'"  . DC A 1 2  ? -4.437  -4.479  21.733  1.00 0.00 ? 2  DC A "H5'"  1 
ATOM 55  H "H5''" . DC A 1 2  ? -5.952  -3.674  21.279  1.00 0.00 ? 2  DC A "H5''" 1 
ATOM 56  H "H4'"  . DC A 1 2  ? -3.882  -2.404  20.650  1.00 0.00 ? 2  DC A "H4'"  1 
ATOM 57  H "H3'"  . DC A 1 2  ? -6.057  -2.929  18.870  1.00 0.00 ? 2  DC A "H3'"  1 
ATOM 58  H "H2'"  . DC A 1 2  ? -4.618  -3.848  17.023  1.00 0.00 ? 2  DC A "H2'"  1 
ATOM 59  H "H2''" . DC A 1 2  ? -4.402  -2.160  16.909  1.00 0.00 ? 2  DC A "H2''" 1 
ATOM 60  H "H1'"  . DC A 1 2  ? -2.322  -2.342  18.198  1.00 0.00 ? 2  DC A "H1'"  1 
ATOM 61  H H41    . DC A 1 2  ? 0.574   -6.907  14.964  1.00 0.00 ? 2  DC A H41    1 
ATOM 62  H H42    . DC A 1 2  ? -0.735  -8.005  15.264  1.00 0.00 ? 2  DC A H42    1 
ATOM 63  H H5     . DC A 1 2  ? -2.697  -7.390  16.552  1.00 0.00 ? 2  DC A H5     1 
ATOM 64  H H6     . DC A 1 2  ? -3.654  -5.664  17.995  1.00 0.00 ? 2  DC A H6     1 
ATOM 65  P P      . DC A 1 3  ? -5.405  0.055   18.243  1.00 0.00 ? 3  DC A P      1 
ATOM 66  O OP1    . DC A 1 3  ? -5.672  1.210   19.136  1.00 0.00 ? 3  DC A OP1    1 
ATOM 67  O OP2    . DC A 1 3  ? -6.413  -0.274  17.187  1.00 0.00 ? 3  DC A OP2    1 
ATOM 68  O "O5'"  . DC A 1 3  ? -4.033  0.404   17.439  1.00 0.00 ? 3  DC A "O5'"  1 
ATOM 69  C "C5'"  . DC A 1 3  ? -3.022  1.191   18.066  1.00 0.00 ? 3  DC A "C5'"  1 
ATOM 70  C "C4'"  . DC A 1 3  ? -2.012  1.679   17.051  1.00 0.00 ? 3  DC A "C4'"  1 
ATOM 71  O "O4'"  . DC A 1 3  ? -1.242  0.653   16.462  1.00 0.00 ? 3  DC A "O4'"  1 
ATOM 72  C "C3'"  . DC A 1 3  ? -2.587  2.510   15.889  1.00 0.00 ? 3  DC A "C3'"  1 
ATOM 73  O "O3'"  . DC A 1 3  ? -2.038  3.786   15.971  1.00 0.00 ? 3  DC A "O3'"  1 
ATOM 74  C "C2'"  . DC A 1 3  ? -2.228  1.741   14.642  1.00 0.00 ? 3  DC A "C2'"  1 
ATOM 75  C "C1'"  . DC A 1 3  ? -0.954  1.058   15.066  1.00 0.00 ? 3  DC A "C1'"  1 
ATOM 76  N N1     . DC A 1 3  ? -0.837  -0.321  14.473  1.00 0.00 ? 3  DC A N1     1 
ATOM 77  C C2     . DC A 1 3  ? 0.383   -0.651  13.877  1.00 0.00 ? 3  DC A C2     1 
ATOM 78  O O2     . DC A 1 3  ? 1.224   0.240   13.705  1.00 0.00 ? 3  DC A O2     1 
ATOM 79  N N3     . DC A 1 3  ? 0.602   -1.942  13.518  1.00 0.00 ? 3  DC A N3     1 
ATOM 80  C C4     . DC A 1 3  ? -0.307  -2.887  13.782  1.00 0.00 ? 3  DC A C4     1 
ATOM 81  N N4     . DC A 1 3  ? -0.059  -4.128  13.393  1.00 0.00 ? 3  DC A N4     1 
ATOM 82  C C5     . DC A 1 3  ? -1.533  -2.581  14.460  1.00 0.00 ? 3  DC A C5     1 
ATOM 83  C C6     . DC A 1 3  ? -1.781  -1.265  14.711  1.00 0.00 ? 3  DC A C6     1 
ATOM 84  H "H5'"  . DC A 1 3  ? -2.522  0.671   18.874  1.00 0.00 ? 3  DC A "H5'"  1 
ATOM 85  H "H5''" . DC A 1 3  ? -3.506  2.091   18.514  1.00 0.00 ? 3  DC A "H5''" 1 
ATOM 86  H "H4'"  . DC A 1 3  ? -1.265  2.304   17.593  1.00 0.00 ? 3  DC A "H4'"  1 
ATOM 87  H "H3'"  . DC A 1 3  ? -3.654  2.596   16.031  1.00 0.00 ? 3  DC A "H3'"  1 
ATOM 88  H "H2'"  . DC A 1 3  ? -2.987  1.024   14.268  1.00 0.00 ? 3  DC A "H2'"  1 
ATOM 89  H "H2''" . DC A 1 3  ? -2.088  2.464   13.852  1.00 0.00 ? 3  DC A "H2''" 1 
ATOM 90  H "H1'"  . DC A 1 3  ? -0.130  1.654   14.996  1.00 0.00 ? 3  DC A "H1'"  1 
ATOM 91  H H41    . DC A 1 3  ? 0.726   -4.311  12.787  1.00 0.00 ? 3  DC A H41    1 
ATOM 92  H H42    . DC A 1 3  ? -0.687  -4.867  13.645  1.00 0.00 ? 3  DC A H42    1 
ATOM 93  H H5     . DC A 1 3  ? -2.159  -3.371  14.858  1.00 0.00 ? 3  DC A H5     1 
ATOM 94  H H6     . DC A 1 3  ? -2.673  -0.998  15.239  1.00 0.00 ? 3  DC A H6     1 
ATOM 95  P P      . DG A 1 4  ? -1.918  4.965   14.984  1.00 0.00 ? 4  DG A P      1 
ATOM 96  O OP1    . DG A 1 4  ? -1.280  6.123   15.629  1.00 0.00 ? 4  DG A OP1    1 
ATOM 97  O OP2    . DG A 1 4  ? -3.168  5.132   14.205  1.00 0.00 ? 4  DG A OP2    1 
ATOM 98  O "O5'"  . DG A 1 4  ? -0.815  4.350   13.923  1.00 0.00 ? 4  DG A "O5'"  1 
ATOM 99  C "C5'"  . DG A 1 4  ? 0.545   4.609   14.202  1.00 0.00 ? 4  DG A "C5'"  1 
ATOM 100 C "C4'"  . DG A 1 4  ? 1.518   4.166   13.176  1.00 0.00 ? 4  DG A "C4'"  1 
ATOM 101 O "O4'"  . DG A 1 4  ? 1.632   2.843   12.738  1.00 0.00 ? 4  DG A "O4'"  1 
ATOM 102 C "C3'"  . DG A 1 4  ? 1.466   4.993   11.873  1.00 0.00 ? 4  DG A "C3'"  1 
ATOM 103 O "O3'"  . DG A 1 4  ? 2.658   5.688   11.792  1.00 0.00 ? 4  DG A "O3'"  1 
ATOM 104 C "C2'"  . DG A 1 4  ? 1.208   3.994   10.778  1.00 0.00 ? 4  DG A "C2'"  1 
ATOM 105 C "C1'"  . DG A 1 4  ? 1.941   2.787   11.329  1.00 0.00 ? 4  DG A "C1'"  1 
ATOM 106 N N9     . DG A 1 4  ? 1.345   1.490   10.890  1.00 0.00 ? 4  DG A N9     1 
ATOM 107 C C8     . DG A 1 4  ? 0.075   1.003   11.100  1.00 0.00 ? 4  DG A C8     1 
ATOM 108 N N7     . DG A 1 4  ? -0.119  -0.199  10.613  1.00 0.00 ? 4  DG A N7     1 
ATOM 109 C C5     . DG A 1 4  ? 1.098   -0.513  10.010  1.00 0.00 ? 4  DG A C5     1 
ATOM 110 C C6     . DG A 1 4  ? 1.498   -1.684  9.314   1.00 0.00 ? 4  DG A C6     1 
ATOM 111 O O6     . DG A 1 4  ? 0.849   -2.702  9.085   1.00 0.00 ? 4  DG A O6     1 
ATOM 112 N N1     . DG A 1 4  ? 2.820   -1.584  8.861   1.00 0.00 ? 4  DG A N1     1 
ATOM 113 C C2     . DG A 1 4  ? 3.656   -0.505  9.077   1.00 0.00 ? 4  DG A C2     1 
ATOM 114 N N2     . DG A 1 4  ? 4.902   -0.629  8.614   1.00 0.00 ? 4  DG A N2     1 
ATOM 115 N N3     . DG A 1 4  ? 3.275   0.599   9.714   1.00 0.00 ? 4  DG A N3     1 
ATOM 116 C C4     . DG A 1 4  ? 1.994   0.516   10.163  1.00 0.00 ? 4  DG A C4     1 
ATOM 117 H "H5'"  . DG A 1 4  ? 0.862   4.458   15.222  1.00 0.00 ? 4  DG A "H5'"  1 
ATOM 118 H "H5''" . DG A 1 4  ? 0.614   5.783   14.144  1.00 0.00 ? 4  DG A "H5''" 1 
ATOM 119 H "H4'"  . DG A 1 4  ? 2.543   4.360   13.688  1.00 0.00 ? 4  DG A "H4'"  1 
ATOM 120 H "H3'"  . DG A 1 4  ? 0.730   5.775   11.941  1.00 0.00 ? 4  DG A "H3'"  1 
ATOM 121 H "H2'"  . DG A 1 4  ? 0.167   3.670   10.632  1.00 0.00 ? 4  DG A "H2'"  1 
ATOM 122 H "H2''" . DG A 1 4  ? 1.534   4.449   9.855   1.00 0.00 ? 4  DG A "H2''" 1 
ATOM 123 H "H1'"  . DG A 1 4  ? 2.967   2.821   11.004  1.00 0.00 ? 4  DG A "H1'"  1 
ATOM 124 H H8     . DG A 1 4  ? -0.684  1.553   11.616  1.00 0.00 ? 4  DG A H8     1 
ATOM 125 H H1     . DG A 1 4  ? 3.189   -2.354  8.339   1.00 0.00 ? 4  DG A H1     1 
ATOM 126 H H21    . DG A 1 4  ? 5.200   -1.493  8.198   1.00 0.00 ? 4  DG A H21    1 
ATOM 127 H H22    . DG A 1 4  ? 5.541   0.138   8.693   1.00 0.00 ? 4  DG A H22    1 
ATOM 128 P P      . DT A 1 5  ? 3.652   5.998   10.747  1.00 0.00 ? 5  DT A P      1 
ATOM 129 O OP1    . DT A 1 5  ? 4.924   6.569   11.332  1.00 0.00 ? 5  DT A OP1    1 
ATOM 130 O OP2    . DT A 1 5  ? 3.080   6.725   9.572   1.00 0.00 ? 5  DT A OP2    1 
ATOM 131 O "O5'"  . DT A 1 5  ? 4.104   4.536   10.166  1.00 0.00 ? 5  DT A "O5'"  1 
ATOM 132 C "C5'"  . DT A 1 5  ? 5.428   4.149   9.992   1.00 0.00 ? 5  DT A "C5'"  1 
ATOM 133 C "C4'"  . DT A 1 5  ? 5.661   3.393   8.707   1.00 0.00 ? 5  DT A "C4'"  1 
ATOM 134 O "O4'"  . DT A 1 5  ? 4.652   2.472   8.326   1.00 0.00 ? 5  DT A "O4'"  1 
ATOM 135 C "C3'"  . DT A 1 5  ? 5.849   4.316   7.490   1.00 0.00 ? 5  DT A "C3'"  1 
ATOM 136 O "O3'"  . DT A 1 5  ? 7.208   4.359   7.228   1.00 0.00 ? 5  DT A "O3'"  1 
ATOM 137 C "C2'"  . DT A 1 5  ? 4.910   3.781   6.441   1.00 0.00 ? 5  DT A "C2'"  1 
ATOM 138 C "C1'"  . DT A 1 5  ? 4.796   2.332   6.832   1.00 0.00 ? 5  DT A "C1'"  1 
ATOM 139 N N1     . DT A 1 5  ? 3.459   1.735   6.463   1.00 0.00 ? 5  DT A N1     1 
ATOM 140 C C2     . DT A 1 5  ? 3.454   0.637   5.665   1.00 0.00 ? 5  DT A C2     1 
ATOM 141 O O2     . DT A 1 5  ? 4.486   0.297   5.079   1.00 0.00 ? 5  DT A O2     1 
ATOM 142 N N3     . DT A 1 5  ? 2.310   -0.091  5.580   1.00 0.00 ? 5  DT A N3     1 
ATOM 143 C C4     . DT A 1 5  ? 1.165   0.244   6.251   1.00 0.00 ? 5  DT A C4     1 
ATOM 144 O O4     . DT A 1 5  ? 0.168   -0.453  6.081   1.00 0.00 ? 5  DT A O4     1 
ATOM 145 C C5     . DT A 1 5  ? 1.192   1.358   7.089   1.00 0.00 ? 5  DT A C5     1 
ATOM 146 C C7     . DT A 1 5  ? -0.014  1.735   7.908   1.00 0.00 ? 5  DT A C7     1 
ATOM 147 C C6     . DT A 1 5  ? 2.349   2.126   7.147   1.00 0.00 ? 5  DT A C6     1 
ATOM 148 H "H5'"  . DT A 1 5  ? 5.930   3.646   10.823  1.00 0.00 ? 5  DT A "H5'"  1 
ATOM 149 H "H5''" . DT A 1 5  ? 6.052   5.114   9.904   1.00 0.00 ? 5  DT A "H5''" 1 
ATOM 150 H "H4'"  . DT A 1 5  ? 6.591   2.793   8.852   1.00 0.00 ? 5  DT A "H4'"  1 
ATOM 151 H "H3'"  . DT A 1 5  ? 5.574   5.339   7.746   1.00 0.00 ? 5  DT A "H3'"  1 
ATOM 152 H "H2'"  . DT A 1 5  ? 3.907   4.311   6.514   1.00 0.00 ? 5  DT A "H2'"  1 
ATOM 153 H "H2''" . DT A 1 5  ? 5.324   3.936   5.483   1.00 0.00 ? 5  DT A "H2''" 1 
ATOM 154 H "H1'"  . DT A 1 5  ? 5.462   1.719   6.557   1.00 0.00 ? 5  DT A "H1'"  1 
ATOM 155 H H3     . DT A 1 5  ? 2.310   -0.919  5.018   1.00 0.00 ? 5  DT A H3     1 
ATOM 156 H H6     . DT A 1 5  ? 2.440   2.892   7.905   1.00 0.00 ? 5  DT A H6     1 
ATOM 157 P P      . DT A 1 6  ? 7.988   4.436   5.934   1.00 0.00 ? 6  DT A P      1 
ATOM 158 O OP1    . DT A 1 6  ? 9.432   4.140   6.134   1.00 0.00 ? 6  DT A OP1    1 
ATOM 159 O OP2    . DT A 1 6  ? 7.610   5.626   5.124   1.00 0.00 ? 6  DT A OP2    1 
ATOM 160 O "O5'"  . DT A 1 6  ? 7.389   3.141   5.104   1.00 0.00 ? 6  DT A "O5'"  1 
ATOM 161 C "C5'"  . DT A 1 6  ? 8.190   2.018   4.843   1.00 0.00 ? 6  DT A "C5'"  1 
ATOM 162 C "C4'"  . DT A 1 6  ? 7.842   1.295   3.569   1.00 0.00 ? 6  DT A "C4'"  1 
ATOM 163 O "O4'"  . DT A 1 6  ? 6.536   0.854   3.365   1.00 0.00 ? 6  DT A "O4'"  1 
ATOM 164 C "C3'"  . DT A 1 6  ? 8.232   2.085   2.303   1.00 0.00 ? 6  DT A "C3'"  1 
ATOM 165 O "O3'"  . DT A 1 6  ? 9.395   1.493   1.806   1.00 0.00 ? 6  DT A "O3'"  1 
ATOM 166 C "C2'"  . DT A 1 6  ? 7.013   2.098   1.445   1.00 0.00 ? 6  DT A "C2'"  1 
ATOM 167 C "C1'"  . DT A 1 6  ? 6.274   0.859   1.902   1.00 0.00 ? 6  DT A "C1'"  1 
ATOM 168 N N1     . DT A 1 6  ? 4.789   1.125   1.966   1.00 0.00 ? 6  DT A N1     1 
ATOM 169 C C2     . DT A 1 6  ? 3.963   0.191   1.439   1.00 0.00 ? 6  DT A C2     1 
ATOM 170 O O2     . DT A 1 6  ? 4.416   -0.709  0.724   1.00 0.00 ? 6  DT A O2     1 
ATOM 171 N N3     . DT A 1 6  ? 2.633   0.286   1.709   1.00 0.00 ? 6  DT A N3     1 
ATOM 172 C C4     . DT A 1 6  ? 2.113   1.214   2.574   1.00 0.00 ? 6  DT A C4     1 
ATOM 173 O O4     . DT A 1 6  ? 0.907   1.183   2.799   1.00 0.00 ? 6  DT A O4     1 
ATOM 174 C C5     . DT A 1 6  ? 2.984   2.150   3.131   1.00 0.00 ? 6  DT A C5     1 
ATOM 175 C C7     . DT A 1 6  ? 2.478   3.173   4.116   1.00 0.00 ? 6  DT A C7     1 
ATOM 176 C C6     . DT A 1 6  ? 4.327   2.110   2.790   1.00 0.00 ? 6  DT A C6     1 
ATOM 177 H "H5'"  . DT A 1 6  ? 8.388   1.346   5.653   1.00 0.00 ? 6  DT A "H5'"  1 
ATOM 178 H "H5''" . DT A 1 6  ? 9.252   2.449   4.627   1.00 0.00 ? 6  DT A "H5''" 1 
ATOM 179 H "H4'"  . DT A 1 6  ? 8.432   0.341   3.574   1.00 0.00 ? 6  DT A "H4'"  1 
ATOM 180 H "H3'"  . DT A 1 6  ? 8.530   3.084   2.571   1.00 0.00 ? 6  DT A "H3'"  1 
ATOM 181 H "H2'"  . DT A 1 6  ? 6.434   3.054   1.462   1.00 0.00 ? 6  DT A "H2'"  1 
ATOM 182 H "H2''" . DT A 1 6  ? 7.296   2.061   0.432   1.00 0.00 ? 6  DT A "H2''" 1 
ATOM 183 H "H1'"  . DT A 1 6  ? 6.534   0.043   1.392   1.00 0.00 ? 6  DT A "H1'"  1 
ATOM 184 H H3     . DT A 1 6  ? 2.013   -0.391  1.305   1.00 0.00 ? 6  DT A H3     1 
ATOM 185 H H6     . DT A 1 6  ? 5.038   2.705   3.347   1.00 0.00 ? 6  DT A H6     1 
ATOM 186 P P      . DA A 1 7  ? 9.880   1.176   0.432   1.00 0.00 ? 7  DA A P      1 
ATOM 187 O OP1    . DA A 1 7  ? 10.965  0.134   0.447   1.00 0.00 ? 7  DA A OP1    1 
ATOM 188 O OP2    . DA A 1 7  ? 10.136  2.404   -0.382  1.00 0.00 ? 7  DA A OP2    1 
ATOM 189 O "O5'"  . DA A 1 7  ? 8.610   0.435   -0.289  1.00 0.00 ? 7  DA A "O5'"  1 
ATOM 190 C "C5'"  . DA A 1 7  ? 8.624   -0.917  -0.602  1.00 0.00 ? 7  DA A "C5'"  1 
ATOM 191 C "C4'"  . DA A 1 7  ? 7.642   -1.389  -1.624  1.00 0.00 ? 7  DA A "C4'"  1 
ATOM 192 O "O4'"  . DA A 1 7  ? 6.287   -1.028  -1.539  1.00 0.00 ? 7  DA A "O4'"  1 
ATOM 193 C "C3'"  . DA A 1 7  ? 8.035   -1.094  -3.087  1.00 0.00 ? 7  DA A "C3'"  1 
ATOM 194 O "O3'"  . DA A 1 7  ? 8.017   -2.300  -3.793  1.00 0.00 ? 7  DA A "O3'"  1 
ATOM 195 C "C2'"  . DA A 1 7  ? 6.902   -0.171  -3.578  1.00 0.00 ? 7  DA A "C2'"  1 
ATOM 196 C "C1'"  . DA A 1 7  ? 5.725   -0.837  -2.890  1.00 0.00 ? 7  DA A "C1'"  1 
ATOM 197 N N9     . DA A 1 7  ? 4.521   0.022   -2.613  1.00 0.00 ? 7  DA A N9     1 
ATOM 198 C C8     . DA A 1 7  ? 4.494   1.227   -1.968  1.00 0.00 ? 7  DA A C8     1 
ATOM 199 N N7     . DA A 1 7  ? 3.303   1.601   -1.608  1.00 0.00 ? 7  DA A N7     1 
ATOM 200 C C5     . DA A 1 7  ? 2.478   0.591   -2.087  1.00 0.00 ? 7  DA A C5     1 
ATOM 201 C C6     . DA A 1 7  ? 1.088   0.402   -2.031  1.00 0.00 ? 7  DA A C6     1 
ATOM 202 N N6     . DA A 1 7  ? 0.236   1.304   -1.521  1.00 0.00 ? 7  DA A N6     1 
ATOM 203 N N1     . DA A 1 7  ? 0.601   -0.750  -2.527  1.00 0.00 ? 7  DA A N1     1 
ATOM 204 C C2     . DA A 1 7  ? 1.449   -1.640  -3.041  1.00 0.00 ? 7  DA A C2     1 
ATOM 205 N N3     . DA A 1 7  ? 2.751   -1.519  -3.249  1.00 0.00 ? 7  DA A N3     1 
ATOM 206 C C4     . DA A 1 7  ? 3.209   -0.367  -2.736  1.00 0.00 ? 7  DA A C4     1 
ATOM 207 H "H5'"  . DA A 1 7  ? 8.735   -1.606  0.240   1.00 0.00 ? 7  DA A "H5'"  1 
ATOM 208 H "H5''" . DA A 1 7  ? 9.663   -1.091  -1.124  1.00 0.00 ? 7  DA A "H5''" 1 
ATOM 209 H "H4'"  . DA A 1 7  ? 7.643   -2.540  -1.488  1.00 0.00 ? 7  DA A "H4'"  1 
ATOM 210 H "H3'"  . DA A 1 7  ? 9.042   -0.636  -3.085  1.00 0.00 ? 7  DA A "H3'"  1 
ATOM 211 H "H2'"  . DA A 1 7  ? 7.059   0.878   -3.387  1.00 0.00 ? 7  DA A "H2'"  1 
ATOM 212 H "H2''" . DA A 1 7  ? 6.990   -0.306  -4.683  1.00 0.00 ? 7  DA A "H2''" 1 
ATOM 213 H "H1'"  . DA A 1 7  ? 5.383   -1.625  -3.399  1.00 0.00 ? 7  DA A "H1'"  1 
ATOM 214 H H8     . DA A 1 7  ? 5.372   1.810   -1.796  1.00 0.00 ? 7  DA A H8     1 
ATOM 215 H H61    . DA A 1 7  ? -0.751  1.143   -1.573  1.00 0.00 ? 7  DA A H61    1 
ATOM 216 H H62    . DA A 1 7  ? 0.589   2.144   -1.107  1.00 0.00 ? 7  DA A H62    1 
ATOM 217 H H2     . DA A 1 7  ? 1.011   -2.577  -3.325  1.00 0.00 ? 7  DA A H2     1 
ATOM 218 P P      . DA A 1 8  ? 8.458   -2.651  -5.246  1.00 0.00 ? 8  DA A P      1 
ATOM 219 O OP1    . DA A 1 8  ? 9.145   -3.970  -5.250  1.00 0.00 ? 8  DA A OP1    1 
ATOM 220 O OP2    . DA A 1 8  ? 9.127   -1.485  -5.872  1.00 0.00 ? 8  DA A OP2    1 
ATOM 221 O "O5'"  . DA A 1 8  ? 7.049   -2.860  -6.021  1.00 0.00 ? 8  DA A "O5'"  1 
ATOM 222 C "C5'"  . DA A 1 8  ? 6.359   -4.098  -5.819  1.00 0.00 ? 8  DA A "C5'"  1 
ATOM 223 C "C4'"  . DA A 1 8  ? 5.053   -4.152  -6.561  1.00 0.00 ? 8  DA A "C4'"  1 
ATOM 224 O "O4'"  . DA A 1 8  ? 4.052   -3.287  -6.014  1.00 0.00 ? 8  DA A "O4'"  1 
ATOM 225 C "C3'"  . DA A 1 8  ? 5.112   -3.827  -8.066  1.00 0.00 ? 8  DA A "C3'"  1 
ATOM 226 O "O3'"  . DA A 1 8  ? 4.411   -4.851  -8.753  1.00 0.00 ? 8  DA A "O3'"  1 
ATOM 227 C "C2'"  . DA A 1 8  ? 4.392   -2.506  -8.175  1.00 0.00 ? 8  DA A "C2'"  1 
ATOM 228 C "C1'"  . DA A 1 8  ? 3.387   -2.623  -7.085  1.00 0.00 ? 8  DA A "C1'"  1 
ATOM 229 N N9     . DA A 1 8  ? 2.889   -1.338  -6.512  1.00 0.00 ? 8  DA A N9     1 
ATOM 230 C C8     . DA A 1 8  ? 3.614   -0.253  -6.111  1.00 0.00 ? 8  DA A C8     1 
ATOM 231 N N7     . DA A 1 8  ? 2.891   0.704   -5.611  1.00 0.00 ? 8  DA A N7     1 
ATOM 232 C C5     . DA A 1 8  ? 1.598   0.201   -5.650  1.00 0.00 ? 8  DA A C5     1 
ATOM 233 C C6     . DA A 1 8  ? 0.363   0.735   -5.251  1.00 0.00 ? 8  DA A C6     1 
ATOM 234 N N6     . DA A 1 8  ? 0.216   1.976   -4.765  1.00 0.00 ? 8  DA A N6     1 
ATOM 235 N N1     . DA A 1 8  ? -0.722  -0.045  -5.390  1.00 0.00 ? 8  DA A N1     1 
ATOM 236 C C2     . DA A 1 8  ? -0.581  -1.257  -5.925  1.00 0.00 ? 8  DA A C2     1 
ATOM 237 N N3     . DA A 1 8  ? 0.511   -1.845  -6.369  1.00 0.00 ? 8  DA A N3     1 
ATOM 238 C C4     . DA A 1 8  ? 1.587   -1.050  -6.198  1.00 0.00 ? 8  DA A C4     1 
ATOM 239 H "H5'"  . DA A 1 8  ? 6.203   -4.284  -4.756  1.00 0.00 ? 8  DA A "H5'"  1 
ATOM 240 H "H5''" . DA A 1 8  ? 7.003   -4.921  -6.198  1.00 0.00 ? 8  DA A "H5''" 1 
ATOM 241 H "H4'"  . DA A 1 8  ? 4.650   -5.184  -6.445  1.00 0.00 ? 8  DA A "H4'"  1 
ATOM 242 H "H3'"  . DA A 1 8  ? 6.151   -3.828  -8.374  1.00 0.00 ? 8  DA A "H3'"  1 
ATOM 243 H "H2'"  . DA A 1 8  ? 4.993   -1.637  -8.160  1.00 0.00 ? 8  DA A "H2'"  1 
ATOM 244 H "H2''" . DA A 1 8  ? 4.054   -2.304  -9.164  1.00 0.00 ? 8  DA A "H2''" 1 
ATOM 245 H "H1'"  . DA A 1 8  ? 2.505   -3.163  -7.464  1.00 0.00 ? 8  DA A "H1'"  1 
ATOM 246 H H8     . DA A 1 8  ? 4.678   -0.194  -6.206  1.00 0.00 ? 8  DA A H8     1 
ATOM 247 H H61    . DA A 1 8  ? -0.714  2.370   -4.675  1.00 0.00 ? 8  DA A H61    1 
ATOM 248 H H62    . DA A 1 8  ? 1.032   2.516   -4.527  1.00 0.00 ? 8  DA A H62    1 
ATOM 249 H H2     . DA A 1 8  ? -1.477  -1.834  -6.007  1.00 0.00 ? 8  DA A H2     1 
ATOM 250 P P      . DC A 1 9  ? 4.340   -5.020  -10.314 1.00 0.00 ? 9  DC A P      1 
ATOM 251 O OP1    . DC A 1 9  ? 4.658   -6.434  -10.657 1.00 0.00 ? 9  DC A OP1    1 
ATOM 252 O OP2    . DC A 1 9  ? 5.076   -3.926  -10.978 1.00 0.00 ? 9  DC A OP2    1 
ATOM 253 O "O5'"  . DC A 1 9  ? 2.770   -4.811  -10.605 1.00 0.00 ? 9  DC A "O5'"  1 
ATOM 254 C "C5'"  . DC A 1 9  ? 1.832   -5.686  -9.934  1.00 0.00 ? 9  DC A "C5'"  1 
ATOM 255 C "C4'"  . DC A 1 9  ? 0.443   -5.121  -10.107 1.00 0.00 ? 9  DC A "C4'"  1 
ATOM 256 O "O4'"  . DC A 1 9  ? 0.314   -3.814  -9.517  1.00 0.00 ? 9  DC A "O4'"  1 
ATOM 257 C "C3'"  . DC A 1 9  ? 0.002   -4.979  -11.575 1.00 0.00 ? 9  DC A "C3'"  1 
ATOM 258 O "O3'"  . DC A 1 9  ? -1.165  -5.714  -11.733 1.00 0.00 ? 9  DC A "O3'"  1 
ATOM 259 C "C2'"  . DC A 1 9  ? -0.226  -3.474  -11.734 1.00 0.00 ? 9  DC A "C2'"  1 
ATOM 260 C "C1'"  . DC A 1 9  ? -0.637  -3.099  -10.331 1.00 0.00 ? 9  DC A "C1'"  1 
ATOM 261 N N1     . DC A 1 9  ? -0.396  -1.663  -9.966  1.00 0.00 ? 9  DC A N1     1 
ATOM 262 C C2     . DC A 1 9  ? -1.507  -0.890  -9.634  1.00 0.00 ? 9  DC A C2     1 
ATOM 263 O O2     . DC A 1 9  ? -2.635  -1.357  -9.829  1.00 0.00 ? 9  DC A O2     1 
ATOM 264 N N3     . DC A 1 9  ? -1.307  0.348   -9.112  1.00 0.00 ? 9  DC A N3     1 
ATOM 265 C C4     . DC A 1 9  ? -0.067  0.801   -8.889  1.00 0.00 ? 9  DC A C4     1 
ATOM 266 N N4     . DC A 1 9  ? 0.078   2.026   -8.406  1.00 0.00 ? 9  DC A N4     1 
ATOM 267 C C5     . DC A 1 9  ? 1.088   0.003   -9.175  1.00 0.00 ? 9  DC A C5     1 
ATOM 268 C C6     . DC A 1 9  ? 0.869   -1.186  -9.806  1.00 0.00 ? 9  DC A C6     1 
ATOM 269 H "H5'"  . DC A 1 9  ? 2.091   -5.861  -8.916  1.00 0.00 ? 9  DC A "H5'"  1 
ATOM 270 H "H5''" . DC A 1 9  ? 1.860   -6.661  -10.475 1.00 0.00 ? 9  DC A "H5''" 1 
ATOM 271 H "H4'"  . DC A 1 9  ? -0.295  -5.732  -9.562  1.00 0.00 ? 9  DC A "H4'"  1 
ATOM 272 H "H3'"  . DC A 1 9  ? 0.774   -5.378  -12.244 1.00 0.00 ? 9  DC A "H3'"  1 
ATOM 273 H "H2'"  . DC A 1 9  ? 0.655   -2.875  -12.020 1.00 0.00 ? 9  DC A "H2'"  1 
ATOM 274 H "H2''" . DC A 1 9  ? -1.089  -3.452  -12.391 1.00 0.00 ? 9  DC A "H2''" 1 
ATOM 275 H "H1'"  . DC A 1 9  ? -1.664  -3.343  -10.144 1.00 0.00 ? 9  DC A "H1'"  1 
ATOM 276 H H41    . DC A 1 9  ? -0.725  2.627   -8.323  1.00 0.00 ? 9  DC A H41    1 
ATOM 277 H H42    . DC A 1 9  ? 0.990   2.370   -8.181  1.00 0.00 ? 9  DC A H42    1 
ATOM 278 H H5     . DC A 1 9  ? 2.072   0.320   -8.900  1.00 0.00 ? 9  DC A H5     1 
ATOM 279 H H6     . DC A 1 9  ? 1.702   -1.790  -10.094 1.00 0.00 ? 9  DC A H6     1 
ATOM 280 P P      . DG A 1 10 ? -2.243  -5.912  -12.813 1.00 0.00 ? 10 DG A P      1 
ATOM 281 O OP1    . DG A 1 10 ? -3.224  -6.930  -12.367 1.00 0.00 ? 10 DG A OP1    1 
ATOM 282 O OP2    . DG A 1 10 ? -1.623  -6.055  -14.160 1.00 0.00 ? 10 DG A OP2    1 
ATOM 283 O "O5'"  . DG A 1 10 ? -3.024  -4.488  -12.823 1.00 0.00 ? 10 DG A "O5'"  1 
ATOM 284 C "C5'"  . DG A 1 10 ? -4.305  -4.302  -12.253 1.00 0.00 ? 10 DG A "C5'"  1 
ATOM 285 C "C4'"  . DG A 1 10 ? -5.037  -3.138  -12.893 1.00 0.00 ? 10 DG A "C4'"  1 
ATOM 286 O "O4'"  . DG A 1 10 ? -4.696  -1.844  -12.411 1.00 0.00 ? 10 DG A "O4'"  1 
ATOM 287 C "C3'"  . DG A 1 10 ? -4.861  -3.061  -14.429 1.00 0.00 ? 10 DG A "C3'"  1 
ATOM 288 O "O3'"  . DG A 1 10 ? -6.111  -2.732  -14.975 1.00 0.00 ? 10 DG A "O3'"  1 
ATOM 289 C "C2'"  . DG A 1 10 ? -3.863  -1.909  -14.555 1.00 0.00 ? 10 DG A "C2'"  1 
ATOM 290 C "C1'"  . DG A 1 10 ? -4.428  -0.967  -13.519 1.00 0.00 ? 10 DG A "C1'"  1 
ATOM 291 N N9     . DG A 1 10 ? -3.517  0.085   -12.972 1.00 0.00 ? 10 DG A N9     1 
ATOM 292 C C8     . DG A 1 10 ? -2.144  0.086   -12.887 1.00 0.00 ? 10 DG A C8     1 
ATOM 293 N N7     . DG A 1 10 ? -1.639  1.227   -12.483 1.00 0.00 ? 10 DG A N7     1 
ATOM 294 C C5     . DG A 1 10 ? -2.761  2.013   -12.223 1.00 0.00 ? 10 DG A C5     1 
ATOM 295 C C6     . DG A 1 10 ? -2.852  3.352   -11.761 1.00 0.00 ? 10 DG A C6     1 
ATOM 296 O O6     . DG A 1 10 ? -1.946  4.122   -11.452 1.00 0.00 ? 10 DG A O6     1 
ATOM 297 N N1     . DG A 1 10 ? -4.185  3.778   -11.682 1.00 0.00 ? 10 DG A N1     1 
ATOM 298 C C2     . DG A 1 10 ? -5.287  2.990   -11.952 1.00 0.00 ? 10 DG A C2     1 
ATOM 299 N N2     . DG A 1 10 ? -6.477  3.566   -11.765 1.00 0.00 ? 10 DG A N2     1 
ATOM 300 N N3     . DG A 1 10 ? -5.203  1.726   -12.362 1.00 0.00 ? 10 DG A N3     1 
ATOM 301 C C4     . DG A 1 10 ? -3.913  1.309   -12.471 1.00 0.00 ? 10 DG A C4     1 
ATOM 302 H "H5'"  . DG A 1 10 ? -4.327  -4.235  -11.177 1.00 0.00 ? 10 DG A "H5'"  1 
ATOM 303 H "H5''" . DG A 1 10 ? -4.925  -5.214  -12.518 1.00 0.00 ? 10 DG A "H5''" 1 
ATOM 304 H "H4'"  . DG A 1 10 ? -6.121  -3.270  -12.687 1.00 0.00 ? 10 DG A "H4'"  1 
ATOM 305 H "H3'"  . DG A 1 10 ? -4.518  -4.033  -14.786 1.00 0.00 ? 10 DG A "H3'"  1 
ATOM 306 H "H2'"  . DG A 1 10 ? -2.840  -2.170  -14.593 1.00 0.00 ? 10 DG A "H2'"  1 
ATOM 307 H "H2''" . DG A 1 10 ? -3.898  -1.617  -15.584 1.00 0.00 ? 10 DG A "H2''" 1 
ATOM 308 H "H1'"  . DG A 1 10 ? -5.210  -0.412  -13.949 1.00 0.00 ? 10 DG A "H1'"  1 
ATOM 309 H H8     . DG A 1 10 ? -1.547  -0.767  -13.131 1.00 0.00 ? 10 DG A H8     1 
ATOM 310 H H1     . DG A 1 10 ? -4.352  4.730   -11.420 1.00 0.00 ? 10 DG A H1     1 
ATOM 311 H H21    . DG A 1 10 ? -6.532  4.477   -11.344 1.00 0.00 ? 10 DG A H21    1 
ATOM 312 H H22    . DG A 1 10 ? -7.314  3.077   -12.020 1.00 0.00 ? 10 DG A H22    1 
ATOM 313 P P      . DG A 1 11 ? -6.502  -2.242  -16.391 1.00 0.00 ? 11 DG A P      1 
ATOM 314 O OP1    . DG A 1 11 ? -7.850  -2.738  -16.764 1.00 0.00 ? 11 DG A OP1    1 
ATOM 315 O OP2    . DG A 1 11 ? -5.372  -2.483  -17.344 1.00 0.00 ? 11 DG A OP2    1 
ATOM 316 O "O5'"  . DG A 1 11 ? -6.615  -0.638  -16.240 1.00 0.00 ? 11 DG A "O5'"  1 
ATOM 317 C "C5'"  . DG A 1 11 ? -7.882  0.018   -16.142 1.00 0.00 ? 11 DG A "C5'"  1 
ATOM 318 C "C4'"  . DG A 1 11 ? -7.903  1.246   -17.050 1.00 0.00 ? 11 DG A "C4'"  1 
ATOM 319 O "O4'"  . DG A 1 11 ? -7.040  2.245   -16.503 1.00 0.00 ? 11 DG A "O4'"  1 
ATOM 320 C "C3'"  . DG A 1 11 ? -7.442  1.020   -18.503 1.00 0.00 ? 11 DG A "C3'"  1 
ATOM 321 O "O3'"  . DG A 1 11 ? -8.345  1.647   -19.367 1.00 0.00 ? 11 DG A "O3'"  1 
ATOM 322 C "C2'"  . DG A 1 11 ? -6.071  1.674   -18.564 1.00 0.00 ? 11 DG A "C2'"  1 
ATOM 323 C "C1'"  . DG A 1 11 ? -6.196  2.729   -17.545 1.00 0.00 ? 11 DG A "C1'"  1 
ATOM 324 N N9     . DG A 1 11 ? -4.934  3.095   -16.836 1.00 0.00 ? 11 DG A N9     1 
ATOM 325 C C8     . DG A 1 11 ? -3.942  2.262   -16.355 1.00 0.00 ? 11 DG A C8     1 
ATOM 326 N N7     . DG A 1 11 ? -2.982  2.897   -15.726 1.00 0.00 ? 11 DG A N7     1 
ATOM 327 C C5     . DG A 1 11 ? -3.432  4.216   -15.678 1.00 0.00 ? 11 DG A C5     1 
ATOM 328 C C6     . DG A 1 11 ? -2.841  5.363   -15.087 1.00 0.00 ? 11 DG A C6     1 
ATOM 329 O O6     . DG A 1 11 ? -1.766  5.457   -14.499 1.00 0.00 ? 11 DG A O6     1 
ATOM 330 N N1     . DG A 1 11 ? -3.647  6.499   -15.252 1.00 0.00 ? 11 DG A N1     1 
ATOM 331 C C2     . DG A 1 11 ? -4.867  6.520   -15.897 1.00 0.00 ? 11 DG A C2     1 
ATOM 332 N N2     . DG A 1 11 ? -5.501  7.695   -15.910 1.00 0.00 ? 11 DG A N2     1 
ATOM 333 N N3     . DG A 1 11 ? -5.412  5.449   -16.468 1.00 0.00 ? 11 DG A N3     1 
ATOM 334 C C4     . DG A 1 11 ? -4.626  4.345   -16.346 1.00 0.00 ? 11 DG A C4     1 
ATOM 335 H "H5'"  . DG A 1 11 ? -8.051  0.353   -15.110 1.00 0.00 ? 11 DG A "H5'"  1 
ATOM 336 H "H5''" . DG A 1 11 ? -8.689  -0.651  -16.438 1.00 0.00 ? 11 DG A "H5''" 1 
ATOM 337 H "H4'"  . DG A 1 11 ? -8.910  1.669   -17.075 1.00 0.00 ? 11 DG A "H4'"  1 
ATOM 338 H "H3'"  . DG A 1 11 ? -7.381  -0.054  -18.640 1.00 0.00 ? 11 DG A "H3'"  1 
ATOM 339 H "H2'"  . DG A 1 11 ? -5.304  0.940   -18.477 1.00 0.00 ? 11 DG A "H2'"  1 
ATOM 340 H "H2''" . DG A 1 11 ? -5.778  1.966   -19.556 1.00 0.00 ? 11 DG A "H2''" 1 
ATOM 341 H "H1'"  . DG A 1 11 ? -6.612  3.633   -17.977 1.00 0.00 ? 11 DG A "H1'"  1 
ATOM 342 H H8     . DG A 1 11 ? -3.972  1.191   -16.454 1.00 0.00 ? 11 DG A H8     1 
ATOM 343 H H1     . DG A 1 11 ? -3.293  7.371   -14.913 1.00 0.00 ? 11 DG A H1     1 
ATOM 344 H H21    . DG A 1 11 ? -5.175  8.444   -15.292 1.00 0.00 ? 11 DG A H21    1 
ATOM 345 H H22    . DG A 1 11 ? -6.337  7.802   -16.462 1.00 0.00 ? 11 DG A H22    1 
ATOM 346 P P      . DC A 1 12 ? -8.352  1.581   -20.940 1.00 0.00 ? 12 DC A P      1 
ATOM 347 O OP1    . DC A 1 12 ? -9.768  1.504   -21.403 1.00 0.00 ? 12 DC A OP1    1 
ATOM 348 O OP2    . DC A 1 12 ? -7.404  0.524   -21.384 1.00 0.00 ? 12 DC A OP2    1 
ATOM 349 O "O5'"  . DC A 1 12 ? -7.768  2.991   -21.399 1.00 0.00 ? 12 DC A "O5'"  1 
ATOM 350 C "C5'"  . DC A 1 12 ? -8.622  4.122   -21.619 1.00 0.00 ? 12 DC A "C5'"  1 
ATOM 351 C "C4'"  . DC A 1 12 ? -7.738  5.300   -22.076 1.00 0.00 ? 12 DC A "C4'"  1 
ATOM 352 O "O4'"  . DC A 1 12 ? -6.789  5.533   -21.027 1.00 0.00 ? 12 DC A "O4'"  1 
ATOM 353 C "C3'"  . DC A 1 12 ? -6.876  5.017   -23.298 1.00 0.00 ? 12 DC A "C3'"  1 
ATOM 354 O "O3'"  . DC A 1 12 ? -7.447  5.619   -24.441 1.00 0.00 ? 12 DC A "O3'"  1 
ATOM 355 C "C2'"  . DC A 1 12 ? -5.511  5.587   -23.006 1.00 0.00 ? 12 DC A "C2'"  1 
ATOM 356 C "C1'"  . DC A 1 12 ? -5.717  6.396   -21.755 1.00 0.00 ? 12 DC A "C1'"  1 
ATOM 357 N N1     . DC A 1 12 ? -4.564  6.195   -20.800 1.00 0.00 ? 12 DC A N1     1 
ATOM 358 C C2     . DC A 1 12 ? -3.537  7.141   -20.850 1.00 0.00 ? 12 DC A C2     1 
ATOM 359 O O2     . DC A 1 12 ? -3.723  8.191   -21.478 1.00 0.00 ? 12 DC A O2     1 
ATOM 360 N N3     . DC A 1 12 ? -2.374  6.871   -20.203 1.00 0.00 ? 12 DC A N3     1 
ATOM 361 C C4     . DC A 1 12 ? -2.204  5.708   -19.563 1.00 0.00 ? 12 DC A C4     1 
ATOM 362 N N4     . DC A 1 12 ? -1.072  5.515   -18.903 1.00 0.00 ? 12 DC A N4     1 
ATOM 363 C C5     . DC A 1 12 ? -3.216  4.694   -19.567 1.00 0.00 ? 12 DC A C5     1 
ATOM 364 C C6     . DC A 1 12 ? -4.392  5.003   -20.173 1.00 0.00 ? 12 DC A C6     1 
ATOM 365 H "H5'"  . DC A 1 12 ? -9.143  4.403   -20.715 1.00 0.00 ? 12 DC A "H5'"  1 
ATOM 366 H "H5''" . DC A 1 12 ? -9.334  3.910   -22.419 1.00 0.00 ? 12 DC A "H5''" 1 
ATOM 367 H "H4'"  . DC A 1 12 ? -8.376  6.164   -22.193 1.00 0.00 ? 12 DC A "H4'"  1 
ATOM 368 H "H3'"  . DC A 1 12 ? -6.847  3.911   -23.430 1.00 0.00 ? 12 DC A "H3'"  1 
ATOM 369 H "H2'"  . DC A 1 12 ? -4.774  4.765   -22.803 1.00 0.00 ? 12 DC A "H2'"  1 
ATOM 370 H "H2''" . DC A 1 12 ? -5.215  6.296   -23.785 1.00 0.00 ? 12 DC A "H2''" 1 
ATOM 371 H "H1'"  . DC A 1 12 ? -6.028  7.193   -21.680 1.00 0.00 ? 12 DC A "H1'"  1 
ATOM 372 H H41    . DC A 1 12 ? -0.415  6.267   -18.807 1.00 0.00 ? 12 DC A H41    1 
ATOM 373 H H42    . DC A 1 12 ? -0.889  4.627   -18.477 1.00 0.00 ? 12 DC A H42    1 
ATOM 374 H H5     . DC A 1 12 ? -3.059  3.745   -19.099 1.00 0.00 ? 12 DC A H5     1 
ATOM 375 H H6     . DC A 1 12 ? -5.124  4.225   -20.316 1.00 0.00 ? 12 DC A H6     1 
ATOM 376 O OP3    . DG B 1 1  ? 4.943   17.304  -18.637 1.00 0.00 ? 13 DG B OP3    1 
ATOM 377 P P      . DG B 1 1  ? 3.787   17.583  -19.519 1.00 0.00 ? 13 DG B P      1 
ATOM 378 O OP1    . DG B 1 1  ? 3.526   19.017  -19.804 1.00 0.00 ? 13 DG B OP1    1 
ATOM 379 O OP2    . DG B 1 1  ? 3.968   16.797  -20.902 1.00 0.00 ? 13 DG B OP2    1 
ATOM 380 O "O5'"  . DG B 1 1  ? 2.473   16.909  -18.927 1.00 0.00 ? 13 DG B "O5'"  1 
ATOM 381 C "C5'"  . DG B 1 1  ? 2.575   15.703  -18.132 1.00 0.00 ? 13 DG B "C5'"  1 
ATOM 382 C "C4'"  . DG B 1 1  ? 1.207   15.305  -17.645 1.00 0.00 ? 13 DG B "C4'"  1 
ATOM 383 O "O4'"  . DG B 1 1  ? 0.949   13.909  -17.896 1.00 0.00 ? 13 DG B "O4'"  1 
ATOM 384 C "C3'"  . DG B 1 1  ? 0.829   15.565  -16.182 1.00 0.00 ? 13 DG B "C3'"  1 
ATOM 385 O "O3'"  . DG B 1 1  ? -0.518  16.036  -16.154 1.00 0.00 ? 13 DG B "O3'"  1 
ATOM 386 C "C2'"  . DG B 1 1  ? 0.851   14.147  -15.589 1.00 0.00 ? 13 DG B "C2'"  1 
ATOM 387 C "C1'"  . DG B 1 1  ? 0.393   13.356  -16.698 1.00 0.00 ? 13 DG B "C1'"  1 
ATOM 388 N N9     . DG B 1 1  ? 0.757   11.902  -16.844 1.00 0.00 ? 13 DG B N9     1 
ATOM 389 C C8     . DG B 1 1  ? 2.007   11.327  -16.710 1.00 0.00 ? 13 DG B C8     1 
ATOM 390 N N7     . DG B 1 1  ? 2.055   10.077  -17.099 1.00 0.00 ? 13 DG B N7     1 
ATOM 391 C C5     . DG B 1 1  ? 0.788   9.850   -17.639 1.00 0.00 ? 13 DG B C5     1 
ATOM 392 C C6     . DG B 1 1  ? 0.263   8.695   -18.279 1.00 0.00 ? 13 DG B C6     1 
ATOM 393 O O6     . DG B 1 1  ? 0.806   7.610   -18.479 1.00 0.00 ? 13 DG B O6     1 
ATOM 394 N N1     . DG B 1 1  ? -1.053  8.905   -18.713 1.00 0.00 ? 13 DG B N1     1 
ATOM 395 C C2     . DG B 1 1  ? -1.760  10.081  -18.565 1.00 0.00 ? 13 DG B C2     1 
ATOM 396 N N2     . DG B 1 1  ? -2.992  10.092  -19.083 1.00 0.00 ? 13 DG B N2     1 
ATOM 397 N N3     . DG B 1 1  ? -1.270  11.160  -17.962 1.00 0.00 ? 13 DG B N3     1 
ATOM 398 C C4     . DG B 1 1  ? -0.011  10.953  -17.484 1.00 0.00 ? 13 DG B C4     1 
ATOM 399 H "H5'"  . DG B 1 1  ? 3.255   15.868  -17.303 1.00 0.00 ? 13 DG B "H5'"  1 
ATOM 400 H "H5''" . DG B 1 1  ? 2.980   14.907  -18.777 1.00 0.00 ? 13 DG B "H5''" 1 
ATOM 401 H "H4'"  . DG B 1 1  ? 0.459   15.809  -18.256 1.00 0.00 ? 13 DG B "H4'"  1 
ATOM 402 H "H3'"  . DG B 1 1  ? 1.490   16.284  -15.752 1.00 0.00 ? 13 DG B "H3'"  1 
ATOM 403 H "H2'"  . DG B 1 1  ? 1.677   13.906  -15.031 1.00 0.00 ? 13 DG B "H2'"  1 
ATOM 404 H "H2''" . DG B 1 1  ? 0.267   14.203  -14.677 1.00 0.00 ? 13 DG B "H2''" 1 
ATOM 405 H "H1'"  . DG B 1 1  ? -0.733  13.347  -16.747 1.00 0.00 ? 13 DG B "H1'"  1 
ATOM 406 H H8     . DG B 1 1  ? 2.867   11.860  -16.345 1.00 0.00 ? 13 DG B H8     1 
ATOM 407 H H1     . DG B 1 1  ? -1.531  8.132   -19.131 1.00 0.00 ? 13 DG B H1     1 
ATOM 408 H H21    . DG B 1 1  ? -3.275  9.337   -19.712 1.00 0.00 ? 13 DG B H21    1 
ATOM 409 H H22    . DG B 1 1  ? -3.594  10.881  -18.916 1.00 0.00 ? 13 DG B H22    1 
ATOM 410 P P      . DC B 1 2  ? -1.326  16.534  -14.912 1.00 0.00 ? 14 DC B P      1 
ATOM 411 O OP1    . DC B 1 2  ? -2.186  17.680  -15.317 1.00 0.00 ? 14 DC B OP1    1 
ATOM 412 O OP2    . DC B 1 2  ? -0.412  16.694  -13.754 1.00 0.00 ? 14 DC B OP2    1 
ATOM 413 O "O5'"  . DC B 1 2  ? -2.304  15.299  -14.583 1.00 0.00 ? 14 DC B "O5'"  1 
ATOM 414 C "C5'"  . DC B 1 2  ? -3.720  15.447  -14.754 1.00 0.00 ? 14 DC B "C5'"  1 
ATOM 415 C "C4'"  . DC B 1 2  ? -4.460  14.356  -14.017 1.00 0.00 ? 14 DC B "C4'"  1 
ATOM 416 O "O4'"  . DC B 1 2  ? -4.083  13.064  -14.467 1.00 0.00 ? 14 DC B "O4'"  1 
ATOM 417 C "C3'"  . DC B 1 2  ? -4.309  14.344  -12.484 1.00 0.00 ? 14 DC B "C3'"  1 
ATOM 418 O "O3'"  . DC B 1 2  ? -5.594  14.494  -11.942 1.00 0.00 ? 14 DC B "O3'"  1 
ATOM 419 C "C2'"  . DC B 1 2  ? -3.709  13.001  -12.155 1.00 0.00 ? 14 DC B "C2'"  1 
ATOM 420 C "C1'"  . DC B 1 2  ? -4.260  12.169  -13.306 1.00 0.00 ? 14 DC B "C1'"  1 
ATOM 421 N N1     . DC B 1 2  ? -3.227  11.164  -13.700 1.00 0.00 ? 14 DC B N1     1 
ATOM 422 C C2     . DC B 1 2  ? -3.611  9.833   -13.835 1.00 0.00 ? 14 DC B C2     1 
ATOM 423 O O2     . DC B 1 2  ? -4.792  9.540   -13.625 1.00 0.00 ? 14 DC B O2     1 
ATOM 424 N N3     . DC B 1 2  ? -2.642  8.901   -14.019 1.00 0.00 ? 14 DC B N3     1 
ATOM 425 C C4     . DC B 1 2  ? -1.375  9.268   -14.254 1.00 0.00 ? 14 DC B C4     1 
ATOM 426 N N4     . DC B 1 2  ? -0.482  8.324   -14.507 1.00 0.00 ? 14 DC B N4     1 
ATOM 427 C C5     . DC B 1 2  ? -0.977  10.645  -14.220 1.00 0.00 ? 14 DC B C5     1 
ATOM 428 C C6     . DC B 1 2  ? -1.950  11.561  -13.984 1.00 0.00 ? 14 DC B C6     1 
ATOM 429 H "H5'"  . DC B 1 2  ? -3.979  15.409  -15.818 1.00 0.00 ? 14 DC B "H5'"  1 
ATOM 430 H "H5''" . DC B 1 2  ? -4.035  16.427  -14.366 1.00 0.00 ? 14 DC B "H5''" 1 
ATOM 431 H "H4'"  . DC B 1 2  ? -5.529  14.410  -14.257 1.00 0.00 ? 14 DC B "H4'"  1 
ATOM 432 H "H3'"  . DC B 1 2  ? -3.702  15.178  -12.199 1.00 0.00 ? 14 DC B "H3'"  1 
ATOM 433 H "H2'"  . DC B 1 2  ? -2.615  12.915  -12.009 1.00 0.00 ? 14 DC B "H2'"  1 
ATOM 434 H "H2''" . DC B 1 2  ? -4.095  12.732  -11.184 1.00 0.00 ? 14 DC B "H2''" 1 
ATOM 435 H "H1'"  . DC B 1 2  ? -5.093  11.740  -13.193 1.00 0.00 ? 14 DC B "H1'"  1 
ATOM 436 H H41    . DC B 1 2  ? -0.764  7.365   -14.535 1.00 0.00 ? 14 DC B H41    1 
ATOM 437 H H42    . DC B 1 2  ? 0.474   8.571   -14.669 1.00 0.00 ? 14 DC B H42    1 
ATOM 438 H H5     . DC B 1 2  ? 0.043   10.938  -14.349 1.00 0.00 ? 14 DC B H5     1 
ATOM 439 H H6     . DC B 1 2  ? -1.725  12.606  -14.079 1.00 0.00 ? 14 DC B H6     1 
ATOM 440 P P      . DC B 1 3  ? -6.234  14.385  -10.561 1.00 0.00 ? 15 DC B P      1 
ATOM 441 O OP1    . DC B 1 3  ? -7.508  15.145  -10.501 1.00 0.00 ? 15 DC B OP1    1 
ATOM 442 O OP2    . DC B 1 3  ? -5.219  14.615  -9.486  1.00 0.00 ? 15 DC B OP2    1 
ATOM 443 O "O5'"  . DC B 1 3  ? -6.633  12.809  -10.451 1.00 0.00 ? 15 DC B "O5'"  1 
ATOM 444 C "C5'"  . DC B 1 3  ? -7.876  12.351  -10.982 1.00 0.00 ? 15 DC B "C5'"  1 
ATOM 445 C "C4'"  . DC B 1 3  ? -8.202  10.963  -10.469 1.00 0.00 ? 15 DC B "C4'"  1 
ATOM 446 O "O4'"  . DC B 1 3  ? -7.322  9.962   -10.931 1.00 0.00 ? 15 DC B "O4'"  1 
ATOM 447 C "C3'"  . DC B 1 3  ? -8.266  10.815  -8.938  1.00 0.00 ? 15 DC B "C3'"  1 
ATOM 448 O "O3'"  . DC B 1 3  ? -9.564  10.445  -8.598  1.00 0.00 ? 15 DC B "O3'"  1 
ATOM 449 C "C2'"  . DC B 1 3  ? -7.206  9.791   -8.601  1.00 0.00 ? 15 DC B "C2'"  1 
ATOM 450 C "C1'"  . DC B 1 3  ? -7.195  8.955   -9.852  1.00 0.00 ? 15 DC B "C1'"  1 
ATOM 451 N N1     . DC B 1 3  ? -5.809  8.475   -10.190 1.00 0.00 ? 15 DC B N1     1 
ATOM 452 C C2     . DC B 1 3  ? -5.669  7.123   -10.509 1.00 0.00 ? 15 DC B C2     1 
ATOM 453 O O2     . DC B 1 3  ? -6.623  6.360   -10.309 1.00 0.00 ? 15 DC B O2     1 
ATOM 454 N N3     . DC B 1 3  ? -4.485  6.695   -11.019 1.00 0.00 ? 15 DC B N3     1 
ATOM 455 C C4     . DC B 1 3  ? -3.492  7.560   -11.255 1.00 0.00 ? 15 DC B C4     1 
ATOM 456 N N4     . DC B 1 3  ? -2.344  7.091   -11.718 1.00 0.00 ? 15 DC B N4     1 
ATOM 457 C C5     . DC B 1 3  ? -3.640  8.963   -10.996 1.00 0.00 ? 15 DC B C5     1 
ATOM 458 C C6     . DC B 1 3  ? -4.799  9.356   -10.397 1.00 0.00 ? 15 DC B C6     1 
ATOM 459 H "H5'"  . DC B 1 3  ? -7.904  12.375  -12.062 1.00 0.00 ? 15 DC B "H5'"  1 
ATOM 460 H "H5''" . DC B 1 3  ? -8.682  13.033  -10.620 1.00 0.00 ? 15 DC B "H5''" 1 
ATOM 461 H "H4'"  . DC B 1 3  ? -9.194  10.670  -10.886 1.00 0.00 ? 15 DC B "H4'"  1 
ATOM 462 H "H3'"  . DC B 1 3  ? -8.066  11.779  -8.497  1.00 0.00 ? 15 DC B "H3'"  1 
ATOM 463 H "H2'"  . DC B 1 3  ? -6.203  10.186  -8.342  1.00 0.00 ? 15 DC B "H2'"  1 
ATOM 464 H "H2''" . DC B 1 3  ? -7.543  9.258   -7.724  1.00 0.00 ? 15 DC B "H2''" 1 
ATOM 465 H "H1'"  . DC B 1 3  ? -7.936  8.251   -9.876  1.00 0.00 ? 15 DC B "H1'"  1 
ATOM 466 H H41    . DC B 1 3  ? -2.190  6.095   -11.751 1.00 0.00 ? 15 DC B H41    1 
ATOM 467 H H42    . DC B 1 3  ? -1.607  7.722   -11.962 1.00 0.00 ? 15 DC B H42    1 
ATOM 468 H H5     . DC B 1 3  ? -2.924  9.676   -11.383 1.00 0.00 ? 15 DC B H5     1 
ATOM 469 H H6     . DC B 1 3  ? -4.961  10.398  -10.219 1.00 0.00 ? 15 DC B H6     1 
ATOM 470 P P      . DG B 1 4  ? -10.203 9.833   -7.332  1.00 0.00 ? 16 DG B P      1 
ATOM 471 O OP1    . DG B 1 4  ? -11.657 9.698   -7.493  1.00 0.00 ? 16 DG B OP1    1 
ATOM 472 O OP2    . DG B 1 4  ? -9.637  10.445  -6.105  1.00 0.00 ? 16 DG B OP2    1 
ATOM 473 O "O5'"  . DG B 1 4  ? -9.579  8.306   -7.392  1.00 0.00 ? 16 DG B "O5'"  1 
ATOM 474 C "C5'"  . DG B 1 4  ? -10.339 7.338   -8.081  1.00 0.00 ? 16 DG B "C5'"  1 
ATOM 475 C "C4'"  . DG B 1 4  ? -9.842  5.944   -8.013  1.00 0.00 ? 16 DG B "C4'"  1 
ATOM 476 O "O4'"  . DG B 1 4  ? -8.570  5.561   -8.442  1.00 0.00 ? 16 DG B "O4'"  1 
ATOM 477 C "C3'"  . DG B 1 4  ? -9.984  5.295   -6.618  1.00 0.00 ? 16 DG B "C3'"  1 
ATOM 478 O "O3'"  . DG B 1 4  ? -10.916 4.281   -6.735  1.00 0.00 ? 16 DG B "O3'"  1 
ATOM 479 C "C2'"  . DG B 1 4  ? -8.591  4.867   -6.236  1.00 0.00 ? 16 DG B "C2'"  1 
ATOM 480 C "C1'"  . DG B 1 4  ? -8.032  4.521   -7.599  1.00 0.00 ? 16 DG B "C1'"  1 
ATOM 481 N N9     . DG B 1 4  ? -6.557  4.725   -7.694  1.00 0.00 ? 16 DG B N9     1 
ATOM 482 C C8     . DG B 1 4  ? -5.824  5.875   -7.515  1.00 0.00 ? 16 DG B C8     1 
ATOM 483 N N7     . DG B 1 4  ? -4.536  5.719   -7.703  1.00 0.00 ? 16 DG B N7     1 
ATOM 484 C C5     . DG B 1 4  ? -4.406  4.364   -8.003  1.00 0.00 ? 16 DG B C5     1 
ATOM 485 C C6     . DG B 1 4  ? -3.246  3.601   -8.302  1.00 0.00 ? 16 DG B C6     1 
ATOM 486 O O6     . DG B 1 4  ? -2.078  3.974   -8.373  1.00 0.00 ? 16 DG B O6     1 
ATOM 487 N N1     . DG B 1 4  ? -3.564  2.256   -8.534  1.00 0.00 ? 16 DG B N1     1 
ATOM 488 C C2     . DG B 1 4  ? -4.838  1.723   -8.503  1.00 0.00 ? 16 DG B C2     1 
ATOM 489 N N2     . DG B 1 4  ? -4.937  0.426   -8.805  1.00 0.00 ? 16 DG B N2     1 
ATOM 490 N N3     . DG B 1 4  ? -5.922  2.435   -8.203  1.00 0.00 ? 16 DG B N3     1 
ATOM 491 C C4     . DG B 1 4  ? -5.631  3.745   -7.984  1.00 0.00 ? 16 DG B C4     1 
ATOM 492 H "H5'"  . DG B 1 4  ? -10.732 7.637   -9.040  1.00 0.00 ? 16 DG B "H5'"  1 
ATOM 493 H "H5''" . DG B 1 4  ? -11.339 7.289   -7.459  1.00 0.00 ? 16 DG B "H5''" 1 
ATOM 494 H "H4'"  . DG B 1 4  ? -10.545 5.376   -8.744  1.00 0.00 ? 16 DG B "H4'"  1 
ATOM 495 H "H3'"  . DG B 1 4  ? -10.443 5.975   -5.922  1.00 0.00 ? 16 DG B "H3'"  1 
ATOM 496 H "H2'"  . DG B 1 4  ? -7.925  5.641   -5.825  1.00 0.00 ? 16 DG B "H2'"  1 
ATOM 497 H "H2''" . DG B 1 4  ? -8.691  4.105   -5.480  1.00 0.00 ? 16 DG B "H2''" 1 
ATOM 498 H "H1'"  . DG B 1 4  ? -8.249  3.484   -7.813  1.00 0.00 ? 16 DG B "H1'"  1 
ATOM 499 H H8     . DG B 1 4  ? -6.267  6.814   -7.254  1.00 0.00 ? 16 DG B H8     1 
ATOM 500 H H1     . DG B 1 4  ? -2.809  1.632   -8.734  1.00 0.00 ? 16 DG B H1     1 
ATOM 501 H H21    . DG B 1 4  ? -4.125  -0.083  -9.102  1.00 0.00 ? 16 DG B H21    1 
ATOM 502 H H22    . DG B 1 4  ? -5.824  -0.034  -8.740  1.00 0.00 ? 16 DG B H22    1 
ATOM 503 P P      . DT B 1 5  ? -11.050 2.888   -6.265  1.00 0.00 ? 17 DT B P      1 
ATOM 504 O OP1    . DT B 1 5  ? -12.185 2.169   -6.957  1.00 0.00 ? 17 DT B OP1    1 
ATOM 505 O OP2    . DT B 1 5  ? -10.992 2.747   -4.776  1.00 0.00 ? 17 DT B OP2    1 
ATOM 506 O "O5'"  . DT B 1 5  ? -9.707  2.134   -6.816  1.00 0.00 ? 17 DT B "O5'"  1 
ATOM 507 C "C5'"  . DT B 1 5  ? -9.727  0.916   -7.486  1.00 0.00 ? 17 DT B "C5'"  1 
ATOM 508 C "C4'"  . DT B 1 5  ? -8.617  -0.016  -7.061  1.00 0.00 ? 17 DT B "C4'"  1 
ATOM 509 O "O4'"  . DT B 1 5  ? -7.351  0.582   -6.825  1.00 0.00 ? 17 DT B "O4'"  1 
ATOM 510 C "C3'"  . DT B 1 5  ? -8.941  -0.804  -5.780  1.00 0.00 ? 17 DT B "C3'"  1 
ATOM 511 O "O3'"  . DT B 1 5  ? -9.293  -2.084  -6.172  1.00 0.00 ? 17 DT B "O3'"  1 
ATOM 512 C "C2'"  . DT B 1 5  ? -7.743  -0.611  -4.887  1.00 0.00 ? 17 DT B "C2'"  1 
ATOM 513 C "C1'"  . DT B 1 5  ? -6.649  -0.363  -5.888  1.00 0.00 ? 17 DT B "C1'"  1 
ATOM 514 N N1     . DT B 1 5  ? -5.560  0.527   -5.340  1.00 0.00 ? 17 DT B N1     1 
ATOM 515 C C2     . DT B 1 5  ? -4.291  0.051   -5.345  1.00 0.00 ? 17 DT B C2     1 
ATOM 516 O O2     . DT B 1 5  ? -4.084  -1.148  -5.560  1.00 0.00 ? 17 DT B O2     1 
ATOM 517 N N3     . DT B 1 5  ? -3.272  0.929   -5.158  1.00 0.00 ? 17 DT B N3     1 
ATOM 518 C C4     . DT B 1 5  ? -3.475  2.268   -4.949  1.00 0.00 ? 17 DT B C4     1 
ATOM 519 O O4     . DT B 1 5  ? -2.492  2.978   -4.753  1.00 0.00 ? 17 DT B O4     1 
ATOM 520 C C5     . DT B 1 5  ? -4.784  2.748   -4.970  1.00 0.00 ? 17 DT B C5     1 
ATOM 521 C C7     . DT B 1 5  ? -5.066  4.218   -4.810  1.00 0.00 ? 17 DT B C7     1 
ATOM 522 C C6     . DT B 1 5  ? -5.828  1.846   -5.127  1.00 0.00 ? 17 DT B C6     1 
ATOM 523 H "H5'"  . DT B 1 5  ? -9.809  0.938   -8.578  1.00 0.00 ? 17 DT B "H5'"  1 
ATOM 524 H "H5''" . DT B 1 5  ? -10.705 0.383   -7.193  1.00 0.00 ? 17 DT B "H5''" 1 
ATOM 525 H "H4'"  . DT B 1 5  ? -8.466  -0.741  -7.897  1.00 0.00 ? 17 DT B "H4'"  1 
ATOM 526 H "H3'"  . DT B 1 5  ? -9.830  -0.391  -5.300  1.00 0.00 ? 17 DT B "H3'"  1 
ATOM 527 H "H2'"  . DT B 1 5  ? -7.905  0.288   -4.208  1.00 0.00 ? 17 DT B "H2'"  1 
ATOM 528 H "H2''" . DT B 1 5  ? -7.597  -1.472  -4.293  1.00 0.00 ? 17 DT B "H2''" 1 
ATOM 529 H "H1'"  . DT B 1 5  ? -6.225  -1.096  -6.305  1.00 0.00 ? 17 DT B "H1'"  1 
ATOM 530 H H3     . DT B 1 5  ? -2.331  0.588   -5.193  1.00 0.00 ? 17 DT B H3     1 
ATOM 531 H H6     . DT B 1 5  ? -6.828  2.216   -5.308  1.00 0.00 ? 17 DT B H6     1 
ATOM 532 P P      . DT B 1 6  ? -9.057  -3.436  -5.535  1.00 0.00 ? 18 DT B P      1 
ATOM 533 O OP1    . DT B 1 6  ? -9.346  -4.553  -6.475  1.00 0.00 ? 18 DT B OP1    1 
ATOM 534 O OP2    . DT B 1 6  ? -9.605  -3.510  -4.152  1.00 0.00 ? 18 DT B OP2    1 
ATOM 535 O "O5'"  . DT B 1 6  ? -7.416  -3.445  -5.348  1.00 0.00 ? 18 DT B "O5'"  1 
ATOM 536 C "C5'"  . DT B 1 6  ? -6.608  -4.309  -6.099  1.00 0.00 ? 18 DT B "C5'"  1 
ATOM 537 C "C4'"  . DT B 1 6  ? -5.349  -4.747  -5.396  1.00 0.00 ? 18 DT B "C4'"  1 
ATOM 538 O "O4'"  . DT B 1 6  ? -4.473  -3.780  -4.908  1.00 0.00 ? 18 DT B "O4'"  1 
ATOM 539 C "C3'"  . DT B 1 6  ? -5.609  -5.720  -4.229  1.00 0.00 ? 18 DT B "C3'"  1 
ATOM 540 O "O3'"  . DT B 1 6  ? -5.267  -6.994  -4.685  1.00 0.00 ? 18 DT B "O3'"  1 
ATOM 541 C "C2'"  . DT B 1 6  ? -4.866  -5.159  -3.061  1.00 0.00 ? 18 DT B "C2'"  1 
ATOM 542 C "C1'"  . DT B 1 6  ? -3.773  -4.353  -3.728  1.00 0.00 ? 18 DT B "C1'"  1 
ATOM 543 N N1     . DT B 1 6  ? -3.551  -3.058  -2.983  1.00 0.00 ? 18 DT B N1     1 
ATOM 544 C C2     . DT B 1 6  ? -2.272  -2.692  -2.732  1.00 0.00 ? 18 DT B C2     1 
ATOM 545 O O2     . DT B 1 6  ? -1.352  -3.499  -2.890  1.00 0.00 ? 18 DT B O2     1 
ATOM 546 N N3     . DT B 1 6  ? -2.043  -1.424  -2.295  1.00 0.00 ? 18 DT B N3     1 
ATOM 547 C C4     . DT B 1 6  ? -3.031  -0.480  -2.201  1.00 0.00 ? 18 DT B C4     1 
ATOM 548 O O4     . DT B 1 6  ? -2.715  0.655   -1.851  1.00 0.00 ? 18 DT B O4     1 
ATOM 549 C C5     . DT B 1 6  ? -4.338  -0.866  -2.493  1.00 0.00 ? 18 DT B C5     1 
ATOM 550 C C7     . DT B 1 6  ? -5.463  0.136   -2.439  1.00 0.00 ? 18 DT B C7     1 
ATOM 551 C C6     . DT B 1 6  ? -4.588  -2.179  -2.860  1.00 0.00 ? 18 DT B C6     1 
ATOM 552 H "H5'"  . DT B 1 6  ? -6.435  -4.059  -7.134  1.00 0.00 ? 18 DT B "H5'"  1 
ATOM 553 H "H5''" . DT B 1 6  ? -7.218  -5.298  -6.184  1.00 0.00 ? 18 DT B "H5''" 1 
ATOM 554 H "H4'"  . DT B 1 6  ? -4.729  -5.284  -6.164  1.00 0.00 ? 18 DT B "H4'"  1 
ATOM 555 H "H3'"  . DT B 1 6  ? -6.663  -5.777  -4.028  1.00 0.00 ? 18 DT B "H3'"  1 
ATOM 556 H "H2'"  . DT B 1 6  ? -5.496  -4.618  -2.314  1.00 0.00 ? 18 DT B "H2'"  1 
ATOM 557 H "H2''" . DT B 1 6  ? -4.495  -5.942  -2.461  1.00 0.00 ? 18 DT B "H2''" 1 
ATOM 558 H "H1'"  . DT B 1 6  ? -2.948  -4.885  -3.897  1.00 0.00 ? 18 DT B "H1'"  1 
ATOM 559 H H3     . DT B 1 6  ? -1.100  -1.151  -2.095  1.00 0.00 ? 18 DT B H3     1 
ATOM 560 H H6     . DT B 1 6  ? -5.555  -2.445  -3.266  1.00 0.00 ? 18 DT B H6     1 
ATOM 561 P P      . DA B 1 7  ? -4.578  -8.159  -4.050  1.00 0.00 ? 19 DA B P      1 
ATOM 562 O OP1    . DA B 1 7  ? -4.049  -9.119  -5.080  1.00 0.00 ? 19 DA B OP1    1 
ATOM 563 O OP2    . DA B 1 7  ? -5.357  -8.749  -2.917  1.00 0.00 ? 19 DA B OP2    1 
ATOM 564 O "O5'"  . DA B 1 7  ? -3.238  -7.518  -3.356  1.00 0.00 ? 19 DA B "O5'"  1 
ATOM 565 C "C5'"  . DA B 1 7  ? -1.966  -7.769  -3.849  1.00 0.00 ? 19 DA B "C5'"  1 
ATOM 566 C "C4'"  . DA B 1 7  ? -0.819  -7.514  -2.929  1.00 0.00 ? 19 DA B "C4'"  1 
ATOM 567 O "O4'"  . DA B 1 7  ? -0.722  -6.310  -2.214  1.00 0.00 ? 19 DA B "O4'"  1 
ATOM 568 C "C3'"  . DA B 1 7  ? -0.572  -8.616  -1.874  1.00 0.00 ? 19 DA B "C3'"  1 
ATOM 569 O "O3'"  . DA B 1 7  ? 0.751   -9.043  -1.998  1.00 0.00 ? 19 DA B "O3'"  1 
ATOM 570 C "C2'"  . DA B 1 7  ? -0.771  -7.875  -0.536  1.00 0.00 ? 19 DA B "C2'"  1 
ATOM 571 C "C1'"  . DA B 1 7  ? -0.119  -6.550  -0.889  1.00 0.00 ? 19 DA B "C1'"  1 
ATOM 572 N N9     . DA B 1 7  ? -0.573  -5.344  -0.109  1.00 0.00 ? 19 DA B N9     1 
ATOM 573 C C8     . DA B 1 7  ? -1.857  -4.912  0.074   1.00 0.00 ? 19 DA B C8     1 
ATOM 574 N N7     . DA B 1 7  ? -1.942  -3.699  0.531   1.00 0.00 ? 19 DA B N7     1 
ATOM 575 C C5     . DA B 1 7  ? -0.616  -3.315  0.700   1.00 0.00 ? 19 DA B C5     1 
ATOM 576 C C6     . DA B 1 7  ? -0.031  -2.125  1.158   1.00 0.00 ? 19 DA B C6     1 
ATOM 577 N N6     . DA B 1 7  ? -0.735  -1.090  1.642   1.00 0.00 ? 19 DA B N6     1 
ATOM 578 N N1     . DA B 1 7  ? 1.310   -2.034  1.105   1.00 0.00 ? 19 DA B N1     1 
ATOM 579 C C2     . DA B 1 7  ? 2.006   -3.066  0.631   1.00 0.00 ? 19 DA B C2     1 
ATOM 580 N N3     . DA B 1 7  ? 1.572   -4.270  0.286   1.00 0.00 ? 19 DA B N3     1 
ATOM 581 C C4     . DA B 1 7  ? 0.232   -4.325  0.340   1.00 0.00 ? 19 DA B C4     1 
ATOM 582 H "H5'"  . DA B 1 7  ? -1.776  -7.447  -4.879  1.00 0.00 ? 19 DA B "H5'"  1 
ATOM 583 H "H5''" . DA B 1 7  ? -1.933  -8.933  -4.006  1.00 0.00 ? 19 DA B "H5''" 1 
ATOM 584 H "H4'"  . DA B 1 7  ? 0.096   -7.502  -3.642  1.00 0.00 ? 19 DA B "H4'"  1 
ATOM 585 H "H3'"  . DA B 1 7  ? -1.288  -9.438  -2.062  1.00 0.00 ? 19 DA B "H3'"  1 
ATOM 586 H "H2'"  . DA B 1 7  ? -1.785  -7.849  -0.180  1.00 0.00 ? 19 DA B "H2'"  1 
ATOM 587 H "H2''" . DA B 1 7  ? -0.203  -8.545  0.158   1.00 0.00 ? 19 DA B "H2''" 1 
ATOM 588 H "H1'"  . DA B 1 7  ? 0.870   -6.577  -0.792  1.00 0.00 ? 19 DA B "H1'"  1 
ATOM 589 H H8     . DA B 1 7  ? -2.708  -5.526  -0.129  1.00 0.00 ? 19 DA B H8     1 
ATOM 590 H H61    . DA B 1 7  ? -0.258  -0.295  2.021   1.00 0.00 ? 19 DA B H61    1 
ATOM 591 H H62    . DA B 1 7  ? -1.735  -1.122  1.641   1.00 0.00 ? 19 DA B H62    1 
ATOM 592 H H2     . DA B 1 7  ? 3.061   -2.898  0.526   1.00 0.00 ? 19 DA B H2     1 
ATOM 593 P P      . DA B 1 8  ? 1.530   -10.210 -1.322  1.00 0.00 ? 20 DA B P      1 
ATOM 594 O OP1    . DA B 1 8  ? 2.414   -10.863 -2.325  1.00 0.00 ? 20 DA B OP1    1 
ATOM 595 O OP2    . DA B 1 8  ? 0.605   -11.045 -0.522  1.00 0.00 ? 20 DA B OP2    1 
ATOM 596 O "O5'"  . DA B 1 8  ? 2.504   -9.444  -0.276  1.00 0.00 ? 20 DA B "O5'"  1 
ATOM 597 C "C5'"  . DA B 1 8  ? 3.677   -8.814  -0.805  1.00 0.00 ? 20 DA B "C5'"  1 
ATOM 598 C "C4'"  . DA B 1 8  ? 4.472   -8.106  0.254   1.00 0.00 ? 20 DA B "C4'"  1 
ATOM 599 O "O4'"  . DA B 1 8  ? 3.832   -6.928  0.757   1.00 0.00 ? 20 DA B "O4'"  1 
ATOM 600 C "C3'"  . DA B 1 8  ? 4.846   -8.942  1.492   1.00 0.00 ? 20 DA B "C3'"  1 
ATOM 601 O "O3'"  . DA B 1 8  ? 6.233   -8.767  1.719   1.00 0.00 ? 20 DA B "O3'"  1 
ATOM 602 C "C2'"  . DA B 1 8  ? 4.028   -8.327  2.599   1.00 0.00 ? 20 DA B "C2'"  1 
ATOM 603 C "C1'"  . DA B 1 8  ? 3.969   -6.902  2.177   1.00 0.00 ? 20 DA B "C1'"  1 
ATOM 604 N N9     . DA B 1 8  ? 2.805   -6.118  2.681   1.00 0.00 ? 20 DA B N9     1 
ATOM 605 C C8     . DA B 1 8  ? 1.483   -6.466  2.673   1.00 0.00 ? 20 DA B C8     1 
ATOM 606 N N7     . DA B 1 8  ? 0.697   -5.545  3.144   1.00 0.00 ? 20 DA B N7     1 
ATOM 607 C C5     . DA B 1 8  ? 1.556   -4.500  3.455   1.00 0.00 ? 20 DA B C5     1 
ATOM 608 C C6     . DA B 1 8  ? 1.333   -3.220  3.987   1.00 0.00 ? 20 DA B C6     1 
ATOM 609 N N6     . DA B 1 8  ? 0.127   -2.779  4.378   1.00 0.00 ? 20 DA B N6     1 
ATOM 610 N N1     . DA B 1 8  ? 2.399   -2.413  4.125   1.00 0.00 ? 20 DA B N1     1 
ATOM 611 C C2     . DA B 1 8  ? 3.603   -2.873  3.785   1.00 0.00 ? 20 DA B C2     1 
ATOM 612 N N3     . DA B 1 8  ? 3.937   -4.058  3.315   1.00 0.00 ? 20 DA B N3     1 
ATOM 613 C C4     . DA B 1 8  ? 2.847   -4.840  3.171   1.00 0.00 ? 20 DA B C4     1 
ATOM 614 H "H5'"  . DA B 1 8  ? 3.424   -8.123  -1.610  1.00 0.00 ? 20 DA B "H5'"  1 
ATOM 615 H "H5''" . DA B 1 8  ? 4.323   -9.601  -1.254  1.00 0.00 ? 20 DA B "H5''" 1 
ATOM 616 H "H4'"  . DA B 1 8  ? 5.412   -7.750  -0.227  1.00 0.00 ? 20 DA B "H4'"  1 
ATOM 617 H "H3'"  . DA B 1 8  ? 4.643   -9.983  1.277   1.00 0.00 ? 20 DA B "H3'"  1 
ATOM 618 H "H2'"  . DA B 1 8  ? 3.101   -8.784  2.810   1.00 0.00 ? 20 DA B "H2'"  1 
ATOM 619 H "H2''" . DA B 1 8  ? 4.413   -8.556  3.564   1.00 0.00 ? 20 DA B "H2''" 1 
ATOM 620 H "H1'"  . DA B 1 8  ? 4.870   -6.375  2.516   1.00 0.00 ? 20 DA B "H1'"  1 
ATOM 621 H H8     . DA B 1 8  ? 1.129   -7.410  2.317   1.00 0.00 ? 20 DA B H8     1 
ATOM 622 H H61    . DA B 1 8  ? 0.062   -1.931  4.930   1.00 0.00 ? 20 DA B H61    1 
ATOM 623 H H62    . DA B 1 8  ? -0.695  -3.313  4.143   1.00 0.00 ? 20 DA B H62    1 
ATOM 624 H H2     . DA B 1 8  ? 4.413   -2.185  3.914   1.00 0.00 ? 20 DA B H2     1 
ATOM 625 P P      . DC B 1 9  ? 7.095   -9.541  2.780   1.00 0.00 ? 21 DC B P      1 
ATOM 626 O OP1    . DC B 1 9  ? 8.321   -10.063 2.114   1.00 0.00 ? 21 DC B OP1    1 
ATOM 627 O OP2    . DC B 1 9  ? 6.241   -10.459 3.555   1.00 0.00 ? 21 DC B OP2    1 
ATOM 628 O "O5'"  . DC B 1 9  ? 7.569   -8.353  3.758   1.00 0.00 ? 21 DC B "O5'"  1 
ATOM 629 C "C5'"  . DC B 1 9  ? 8.300   -7.244  3.177   1.00 0.00 ? 21 DC B "C5'"  1 
ATOM 630 C "C4'"  . DC B 1 9  ? 8.357   -6.127  4.189   1.00 0.00 ? 21 DC B "C4'"  1 
ATOM 631 O "O4'"  . DC B 1 9  ? 7.049   -5.651  4.551   1.00 0.00 ? 21 DC B "O4'"  1 
ATOM 632 C "C3'"  . DC B 1 9  ? 9.053   -6.515  5.504   1.00 0.00 ? 21 DC B "C3'"  1 
ATOM 633 O "O3'"  . DC B 1 9  ? 10.114  -5.639  5.682   1.00 0.00 ? 21 DC B "O3'"  1 
ATOM 634 C "C2'"  . DC B 1 9  ? 7.955   -6.337  6.556   1.00 0.00 ? 21 DC B "C2'"  1 
ATOM 635 C "C1'"  . DC B 1 9  ? 7.134   -5.237  5.932   1.00 0.00 ? 21 DC B "C1'"  1 
ATOM 636 N N1     . DC B 1 9  ? 5.699   -5.191  6.374   1.00 0.00 ? 21 DC B N1     1 
ATOM 637 C C2     . DC B 1 9  ? 5.267   -4.041  7.032   1.00 0.00 ? 21 DC B C2     1 
ATOM 638 O O2     . DC B 1 9  ? 6.108   -3.201  7.373   1.00 0.00 ? 21 DC B O2     1 
ATOM 639 N N3     . DC B 1 9  ? 3.939   -3.882  7.264   1.00 0.00 ? 21 DC B N3     1 
ATOM 640 C C4     . DC B 1 9  ? 3.057   -4.792  6.830   1.00 0.00 ? 21 DC B C4     1 
ATOM 641 N N4     . DC B 1 9  ? 1.774   -4.604  7.100   1.00 0.00 ? 21 DC B N4     1 
ATOM 642 C C5     . DC B 1 9  ? 3.475   -5.954  6.103   1.00 0.00 ? 21 DC B C5     1 
ATOM 643 C C6     . DC B 1 9  ? 4.819   -6.157  5.992   1.00 0.00 ? 21 DC B C6     1 
ATOM 644 H "H5'"  . DC B 1 9  ? 7.902   -6.934  2.238   1.00 0.00 ? 21 DC B "H5'"  1 
ATOM 645 H "H5''" . DC B 1 9  ? 9.343   -7.599  3.010   1.00 0.00 ? 21 DC B "H5''" 1 
ATOM 646 H "H4'"  . DC B 1 9  ? 8.849   -5.239  3.757   1.00 0.00 ? 21 DC B "H4'"  1 
ATOM 647 H "H3'"  . DC B 1 9  ? 9.438   -7.542  5.446   1.00 0.00 ? 21 DC B "H3'"  1 
ATOM 648 H "H2'"  . DC B 1 9  ? 7.300   -7.208  6.731   1.00 0.00 ? 21 DC B "H2'"  1 
ATOM 649 H "H2''" . DC B 1 9  ? 8.524   -5.941  7.393   1.00 0.00 ? 21 DC B "H2''" 1 
ATOM 650 H "H1'"  . DC B 1 9  ? 7.584   -4.278  6.080   1.00 0.00 ? 21 DC B "H1'"  1 
ATOM 651 H H41    . DC B 1 9  ? 1.498   -3.858  7.715   1.00 0.00 ? 21 DC B H41    1 
ATOM 652 H H42    . DC B 1 9  ? 1.090   -5.237  6.734   1.00 0.00 ? 21 DC B H42    1 
ATOM 653 H H5     . DC B 1 9  ? 2.765   -6.622  5.658   1.00 0.00 ? 21 DC B H5     1 
ATOM 654 H H6     . DC B 1 9  ? 5.180   -7.040  5.512   1.00 0.00 ? 21 DC B H6     1 
ATOM 655 P P      . DG B 1 10 ? 11.127  -5.288  6.784   1.00 0.00 ? 22 DG B P      1 
ATOM 656 O OP1    . DG B 1 10 ? 12.083  -4.267  6.286   1.00 0.00 ? 22 DG B OP1    1 
ATOM 657 O OP2    . DG B 1 10 ? 11.663  -6.522  7.422   1.00 0.00 ? 22 DG B OP2    1 
ATOM 658 O "O5'"  . DG B 1 10 ? 10.210  -4.558  7.906   1.00 0.00 ? 22 DG B "O5'"  1 
ATOM 659 C "C5'"  . DG B 1 10 ? 10.204  -3.156  8.111   1.00 0.00 ? 22 DG B "C5'"  1 
ATOM 660 C "C4'"  . DG B 1 10 ? 9.769   -2.802  9.521   1.00 0.00 ? 22 DG B "C4'"  1 
ATOM 661 O "O4'"  . DG B 1 10 ? 8.370   -2.795  9.774   1.00 0.00 ? 22 DG B "O4'"  1 
ATOM 662 C "C3'"  . DG B 1 10 ? 10.369  -3.733  10.599  1.00 0.00 ? 22 DG B "C3'"  1 
ATOM 663 O "O3'"  . DG B 1 10 ? 10.756  -2.917  11.671  1.00 0.00 ? 22 DG B "O3'"  1 
ATOM 664 C "C2'"  . DG B 1 10 ? 9.162   -4.605  10.946  1.00 0.00 ? 22 DG B "C2'"  1 
ATOM 665 C "C1'"  . DG B 1 10 ? 8.074   -3.555  10.959  1.00 0.00 ? 22 DG B "C1'"  1 
ATOM 666 N N9     . DG B 1 10 ? 6.663   -4.018  10.797  1.00 0.00 ? 22 DG B N9     1 
ATOM 667 C C8     . DG B 1 10 ? 6.185   -5.148  10.173  1.00 0.00 ? 22 DG B C8     1 
ATOM 668 N N7     . DG B 1 10 ? 4.894   -5.327  10.316  1.00 0.00 ? 22 DG B N7     1 
ATOM 669 C C5     . DG B 1 10 ? 4.481   -4.206  11.035  1.00 0.00 ? 22 DG B C5     1 
ATOM 670 C C6     . DG B 1 10 ? 3.189   -3.841  11.495  1.00 0.00 ? 22 DG B C6     1 
ATOM 671 O O6     . DG B 1 10 ? 2.122   -4.428  11.336  1.00 0.00 ? 22 DG B O6     1 
ATOM 672 N N1     . DG B 1 10 ? 3.224   -2.645  12.226  1.00 0.00 ? 22 DG B N1     1 
ATOM 673 C C2     . DG B 1 10 ? 4.351   -1.871  12.429  1.00 0.00 ? 22 DG B C2     1 
ATOM 674 N N2     . DG B 1 10 ? 4.168   -0.740  13.115  1.00 0.00 ? 22 DG B N2     1 
ATOM 675 N N3     . DG B 1 10 ? 5.559   -2.201  11.974  1.00 0.00 ? 22 DG B N3     1 
ATOM 676 C C4     . DG B 1 10 ? 5.545   -3.376  11.293  1.00 0.00 ? 22 DG B C4     1 
ATOM 677 H "H5'"  . DG B 1 10 ? 9.664   -2.586  7.395   1.00 0.00 ? 22 DG B "H5'"  1 
ATOM 678 H "H5''" . DG B 1 10 ? 11.280  -2.804  8.038   1.00 0.00 ? 22 DG B "H5''" 1 
ATOM 679 H "H4'"  . DG B 1 10 ? 10.126  -1.769  9.723   1.00 0.00 ? 22 DG B "H4'"  1 
ATOM 680 H "H3'"  . DG B 1 10 ? 11.230  -4.254  10.171  1.00 0.00 ? 22 DG B "H3'"  1 
ATOM 681 H "H2'"  . DG B 1 10 ? 9.066   -5.514  10.412  1.00 0.00 ? 22 DG B "H2'"  1 
ATOM 682 H "H2''" . DG B 1 10 ? 9.419   -5.085  11.863  1.00 0.00 ? 22 DG B "H2''" 1 
ATOM 683 H "H1'"  . DG B 1 10 ? 8.073   -3.073  11.888  1.00 0.00 ? 22 DG B "H1'"  1 
ATOM 684 H H8     . DG B 1 10 ? 6.813   -5.818  9.625   1.00 0.00 ? 22 DG B H8     1 
ATOM 685 H H1     . DG B 1 10 ? 2.369   -2.332  12.643  1.00 0.00 ? 22 DG B H1     1 
ATOM 686 H H21    . DG B 1 10 ? 3.237   -0.444  13.351  1.00 0.00 ? 22 DG B H21    1 
ATOM 687 H H22    . DG B 1 10 ? 4.958   -0.183  13.378  1.00 0.00 ? 22 DG B H22    1 
ATOM 688 P P      . DG B 1 11 ? 11.149  -3.268  13.124  1.00 0.00 ? 23 DG B P      1 
ATOM 689 O OP1    . DG B 1 11 ? 12.162  -2.310  13.639  1.00 0.00 ? 23 DG B OP1    1 
ATOM 690 O OP2    . DG B 1 11 ? 11.440  -4.731  13.227  1.00 0.00 ? 23 DG B OP2    1 
ATOM 691 O "O5'"  . DG B 1 11 ? 9.794   -3.019  13.966  1.00 0.00 ? 23 DG B "O5'"  1 
ATOM 692 C "C5'"  . DG B 1 11 ? 9.607   -1.846  14.760  1.00 0.00 ? 23 DG B "C5'"  1 
ATOM 693 C "C4'"  . DG B 1 11 ? 9.030   -2.230  16.121  1.00 0.00 ? 23 DG B "C4'"  1 
ATOM 694 O "O4'"  . DG B 1 11 ? 7.683   -2.668  15.959  1.00 0.00 ? 23 DG B "O4'"  1 
ATOM 695 C "C3'"  . DG B 1 11 ? 9.762   -3.365  16.863  1.00 0.00 ? 23 DG B "C3'"  1 
ATOM 696 O "O3'"  . DG B 1 11 ? 9.942   -2.988  18.196  1.00 0.00 ? 23 DG B "O3'"  1 
ATOM 697 C "C2'"  . DG B 1 11 ? 8.826   -4.556  16.740  1.00 0.00 ? 23 DG B "C2'"  1 
ATOM 698 C "C1'"  . DG B 1 11 ? 7.511   -3.899  16.647  1.00 0.00 ? 23 DG B "C1'"  1 
ATOM 699 N N9     . DG B 1 11 ? 6.478   -4.621  15.848  1.00 0.00 ? 23 DG B N9     1 
ATOM 700 C C8     . DG B 1 11 ? 6.624   -5.270  14.636  1.00 0.00 ? 23 DG B C8     1 
ATOM 701 N N7     . DG B 1 11 ? 5.502   -5.758  14.162  1.00 0.00 ? 23 DG B N7     1 
ATOM 702 C C5     . DG B 1 11 ? 4.537   -5.298  15.056  1.00 0.00 ? 23 DG B C5     1 
ATOM 703 C C6     . DG B 1 11 ? 3.127   -5.464  15.044  1.00 0.00 ? 23 DG B C6     1 
ATOM 704 O O6     . DG B 1 11 ? 2.433   -6.088  14.245  1.00 0.00 ? 23 DG B O6     1 
ATOM 705 N N1     . DG B 1 11 ? 2.524   -4.805  16.126  1.00 0.00 ? 23 DG B N1     1 
ATOM 706 C C2     . DG B 1 11 ? 3.195   -4.078  17.087  1.00 0.00 ? 23 DG B C2     1 
ATOM 707 N N2     . DG B 1 11 ? 2.433   -3.488  18.012  1.00 0.00 ? 23 DG B N2     1 
ATOM 708 N N3     . DG B 1 11 ? 4.517   -3.934  17.107  1.00 0.00 ? 23 DG B N3     1 
ATOM 709 C C4     . DG B 1 11 ? 5.121   -4.600  16.086  1.00 0.00 ? 23 DG B C4     1 
ATOM 710 H "H5'"  . DG B 1 11 ? 8.901   -1.167  14.272  1.00 0.00 ? 23 DG B "H5'"  1 
ATOM 711 H "H5''" . DG B 1 11 ? 10.553  -1.325  14.910  1.00 0.00 ? 23 DG B "H5''" 1 
ATOM 712 H "H4'"  . DG B 1 11 ? 9.009   -1.355  16.771  1.00 0.00 ? 23 DG B "H4'"  1 
ATOM 713 H "H3'"  . DG B 1 11 ? 10.692  -3.533  16.328  1.00 0.00 ? 23 DG B "H3'"  1 
ATOM 714 H "H2'"  . DG B 1 11 ? 9.150   -5.203  15.955  1.00 0.00 ? 23 DG B "H2'"  1 
ATOM 715 H "H2''" . DG B 1 11 ? 8.974   -5.293  17.506  1.00 0.00 ? 23 DG B "H2''" 1 
ATOM 716 H "H1'"  . DG B 1 11 ? 7.105   -3.715  17.638  1.00 0.00 ? 23 DG B "H1'"  1 
ATOM 717 H H8     . DG B 1 11 ? 7.561   -5.338  14.112  1.00 0.00 ? 23 DG B H8     1 
ATOM 718 H H1     . DG B 1 11 ? 1.534   -4.910  16.237  1.00 0.00 ? 23 DG B H1     1 
ATOM 719 H H21    . DG B 1 11 ? 1.422   -3.436  17.865  1.00 0.00 ? 23 DG B H21    1 
ATOM 720 H H22    . DG B 1 11 ? 2.868   -3.038  18.800  1.00 0.00 ? 23 DG B H22    1 
ATOM 721 P P      . DC B 1 12 ? 10.754  -3.769  19.297  1.00 0.00 ? 24 DC B P      1 
ATOM 722 O OP1    . DC B 1 12 ? 11.481  -2.775  20.141  1.00 0.00 ? 24 DC B OP1    1 
ATOM 723 O OP2    . DC B 1 12 ? 11.537  -4.851  18.644  1.00 0.00 ? 24 DC B OP2    1 
ATOM 724 O "O5'"  . DC B 1 12 ? 9.634   -4.449  20.202  1.00 0.00 ? 24 DC B "O5'"  1 
ATOM 725 C "C5'"  . DC B 1 12 ? 9.074   -3.775  21.338  1.00 0.00 ? 24 DC B "C5'"  1 
ATOM 726 C "C4'"  . DC B 1 12 ? 8.049   -4.724  21.991  1.00 0.00 ? 24 DC B "C4'"  1 
ATOM 727 O "O4'"  . DC B 1 12 ? 7.060   -5.013  20.995  1.00 0.00 ? 24 DC B "O4'"  1 
ATOM 728 C "C3'"  . DC B 1 12 ? 8.597   -6.090  22.376  1.00 0.00 ? 24 DC B "C3'"  1 
ATOM 729 O "O3'"  . DC B 1 12 ? 8.828   -6.145  23.769  1.00 0.00 ? 24 DC B "O3'"  1 
ATOM 730 C "C2'"  . DC B 1 12 ? 7.565   -7.105  21.954  1.00 0.00 ? 24 DC B "C2'"  1 
ATOM 731 C "C1'"  . DC B 1 12 ? 6.366   -6.273  21.592  1.00 0.00 ? 24 DC B "C1'"  1 
ATOM 732 N N1     . DC B 1 12 ? 5.716   -6.800  20.333  1.00 0.00 ? 24 DC B N1     1 
ATOM 733 C C2     . DC B 1 12 ? 4.644   -7.681  20.505  1.00 0.00 ? 24 DC B C2     1 
ATOM 734 O O2     . DC B 1 12 ? 4.141   -7.796  21.629  1.00 0.00 ? 24 DC B O2     1 
ATOM 735 N N3     . DC B 1 12 ? 4.195   -8.374  19.427  1.00 0.00 ? 24 DC B N3     1 
ATOM 736 C C4     . DC B 1 12 ? 4.790   -8.242  18.235  1.00 0.00 ? 24 DC B C4     1 
ATOM 737 N N4     . DC B 1 12 ? 4.280   -8.897  17.203  1.00 0.00 ? 24 DC B N4     1 
ATOM 738 C C5     . DC B 1 12 ? 5.939   -7.406  18.058  1.00 0.00 ? 24 DC B C5     1 
ATOM 739 C C6     . DC B 1 12 ? 6.342   -6.681  19.135  1.00 0.00 ? 24 DC B C6     1 
ATOM 740 H "H5'"  . DC B 1 12 ? 8.574   -2.863  21.049  1.00 0.00 ? 24 DC B "H5'"  1 
ATOM 741 H "H5''" . DC B 1 12 ? 9.852   -3.566  22.074  1.00 0.00 ? 24 DC B "H5''" 1 
ATOM 742 H "H4'"  . DC B 1 12 ? 7.594   -4.197  22.819  1.00 0.00 ? 24 DC B "H4'"  1 
ATOM 743 H "H3'"  . DC B 1 12 ? 9.559   -6.224  21.831  1.00 0.00 ? 24 DC B "H3'"  1 
ATOM 744 H "H2'"  . DC B 1 12 ? 7.913   -7.672  21.049  1.00 0.00 ? 24 DC B "H2'"  1 
ATOM 745 H "H2''" . DC B 1 12 ? 7.263   -7.723  22.804  1.00 0.00 ? 24 DC B "H2''" 1 
ATOM 746 H "H1'"  . DC B 1 12 ? 5.773   -5.935  22.113  1.00 0.00 ? 24 DC B "H1'"  1 
ATOM 747 H H41    . DC B 1 12 ? 3.411   -9.389  17.303  1.00 0.00 ? 24 DC B H41    1 
ATOM 748 H H42    . DC B 1 12 ? 4.749   -8.875  16.318  1.00 0.00 ? 24 DC B H42    1 
ATOM 749 H H5     . DC B 1 12 ? 6.448   -7.345  17.120  1.00 0.00 ? 24 DC B H5     1 
ATOM 750 H H6     . DC B 1 12 ? 7.276   -6.147  19.083  1.00 0.00 ? 24 DC B H6     1 
# 
